data_8J2W
#
_entry.id   8J2W
#
_cell.length_a   132.111
_cell.length_b   97.539
_cell.length_c   72.662
_cell.angle_alpha   90.00
_cell.angle_beta   116.72
_cell.angle_gamma   90.00
#
_symmetry.space_group_name_H-M   'C 1 2 1'
#
loop_
_entity.id
_entity.type
_entity.pdbx_description
1 polymer 'Cobalamin-binding protein'
2 non-polymer COBALAMIN
3 non-polymer "5'-DEOXYADENOSINE"
4 non-polymer 'BILIVERDINE IX ALPHA'
5 non-polymer '1,4-DIETHYLENE DIOXIDE'
6 non-polymer DI(HYDROXYETHYL)ETHER
7 water water
#
_entity_poly.entity_id   1
_entity_poly.type   'polypeptide(L)'
_entity_poly.pdbx_seq_one_letter_code
;DILAAGREELMAALAEGDEHAAVDLAMRLLDGGVPADVVLLELVADAQVEIGVLWQANRWSVAQEHAATAISERVIAAVG
DRAAAAPTRGHVVVACLDGEWHALPARIVAEVLRGRGWRVTFLGASVPAAHLVPYLEEHGPDAVALSCTLPRGLPRADQV
VAACRATGTPVLVGGLGFGPDGRWARVLGAGTWAPTARAAADLLDRPEWPRTALPAPPRPADPEYAALRARRAELVDAGL
AALHEWFPPLRDYDARRLDATLDDLGDIVDHLAASVYVDDPELFGEFVTWTAEVLAARGVSPASVEVALEAIARVLDDHP
RTRHHLDHGRRALAAHLEH
;
_entity_poly.pdbx_strand_id   A,B
#
loop_
_chem_comp.id
_chem_comp.type
_chem_comp.name
_chem_comp.formula
5AD non-polymer 5'-DEOXYADENOSINE 'C10 H13 N5 O3'
B12 non-polymer COBALAMIN 'C62 H89 Co N13 O14 P 2'
BLA non-polymer 'BILIVERDINE IX ALPHA' 'C33 H34 N4 O6'
DIO non-polymer '1,4-DIETHYLENE DIOXIDE' 'C4 H8 O2'
PEG non-polymer DI(HYDROXYETHYL)ETHER 'C4 H10 O3'
#
# COMPACT_ATOMS: atom_id res chain seq x y z
N ASP A 1 -12.70 17.35 -30.01
CA ASP A 1 -11.74 16.45 -30.59
C ASP A 1 -12.14 15.01 -30.30
N ILE A 2 -11.33 14.07 -30.79
CA ILE A 2 -11.50 12.66 -30.45
C ILE A 2 -11.19 12.42 -28.97
N LEU A 3 -10.43 13.34 -28.36
CA LEU A 3 -10.11 13.29 -26.94
C LEU A 3 -11.31 13.46 -26.01
N ALA A 4 -12.29 14.27 -26.41
CA ALA A 4 -13.54 14.38 -25.66
C ALA A 4 -14.27 13.03 -25.66
N ALA A 5 -14.39 12.45 -26.86
CA ALA A 5 -15.00 11.13 -27.05
C ALA A 5 -14.19 10.04 -26.36
N GLY A 6 -12.86 10.10 -26.49
CA GLY A 6 -11.97 9.15 -25.85
C GLY A 6 -12.12 9.14 -24.33
N ARG A 7 -12.22 10.33 -23.73
CA ARG A 7 -12.42 10.47 -22.30
C ARG A 7 -13.73 9.86 -21.81
N GLU A 8 -14.82 10.12 -22.56
CA GLU A 8 -16.11 9.53 -22.26
C GLU A 8 -16.06 8.00 -22.33
N GLU A 9 -15.51 7.47 -23.43
CA GLU A 9 -15.40 6.03 -23.62
C GLU A 9 -14.51 5.41 -22.55
N LEU A 10 -13.41 6.08 -22.20
CA LEU A 10 -12.50 5.56 -21.18
C LEU A 10 -13.21 5.52 -19.83
N MET A 11 -13.87 6.63 -19.45
CA MET A 11 -14.59 6.68 -18.18
C MET A 11 -15.68 5.61 -18.10
N ALA A 12 -16.36 5.35 -19.22
CA ALA A 12 -17.39 4.32 -19.27
C ALA A 12 -16.80 2.92 -18.99
N ALA A 13 -15.66 2.63 -19.61
CA ALA A 13 -14.96 1.38 -19.35
C ALA A 13 -14.48 1.26 -17.88
N LEU A 14 -13.94 2.35 -17.34
CA LEU A 14 -13.45 2.36 -15.97
C LEU A 14 -14.61 2.20 -14.98
N ALA A 15 -15.73 2.88 -15.23
CA ALA A 15 -16.90 2.78 -14.37
C ALA A 15 -17.54 1.40 -14.43
N GLU A 16 -17.41 0.73 -15.58
CA GLU A 16 -17.89 -0.63 -15.75
C GLU A 16 -16.91 -1.68 -15.23
N GLY A 17 -15.69 -1.29 -14.90
CA GLY A 17 -14.68 -2.25 -14.49
C GLY A 17 -14.26 -3.19 -15.62
N ASP A 18 -14.20 -2.67 -16.85
CA ASP A 18 -14.00 -3.48 -18.05
C ASP A 18 -12.60 -3.22 -18.60
N GLU A 19 -11.66 -4.09 -18.22
CA GLU A 19 -10.26 -3.89 -18.55
C GLU A 19 -10.01 -4.02 -20.05
N HIS A 20 -10.63 -5.02 -20.68
CA HIS A 20 -10.44 -5.25 -22.10
C HIS A 20 -10.86 -4.03 -22.94
N ALA A 21 -12.01 -3.43 -22.62
CA ALA A 21 -12.51 -2.29 -23.36
C ALA A 21 -11.59 -1.08 -23.24
N ALA A 22 -11.06 -0.85 -22.04
CA ALA A 22 -10.22 0.32 -21.80
C ALA A 22 -8.89 0.17 -22.54
N VAL A 23 -8.31 -1.03 -22.48
CA VAL A 23 -7.04 -1.32 -23.13
C VAL A 23 -7.22 -1.27 -24.65
N ASP A 24 -8.30 -1.87 -25.15
CA ASP A 24 -8.58 -1.87 -26.58
C ASP A 24 -8.78 -0.44 -27.10
N LEU A 25 -9.50 0.39 -26.34
CA LEU A 25 -9.64 1.80 -26.65
C LEU A 25 -8.28 2.48 -26.80
N ALA A 26 -7.41 2.27 -25.80
CA ALA A 26 -6.08 2.87 -25.83
C ALA A 26 -5.32 2.43 -27.09
N MET A 27 -5.36 1.14 -27.41
CA MET A 27 -4.66 0.62 -28.57
C MET A 27 -5.21 1.20 -29.88
N ARG A 28 -6.53 1.27 -30.00
CA ARG A 28 -7.16 1.86 -31.17
C ARG A 28 -6.78 3.34 -31.34
N LEU A 29 -6.64 4.07 -30.23
CA LEU A 29 -6.25 5.48 -30.28
C LEU A 29 -4.82 5.59 -30.81
N LEU A 30 -3.92 4.76 -30.28
CA LEU A 30 -2.55 4.69 -30.79
C LEU A 30 -2.52 4.35 -32.28
N ASP A 31 -3.29 3.32 -32.67
CA ASP A 31 -3.40 2.91 -34.07
C ASP A 31 -3.88 4.02 -34.99
N GLY A 32 -4.72 4.92 -34.45
CA GLY A 32 -5.23 6.07 -35.17
C GLY A 32 -4.37 7.34 -35.11
N GLY A 33 -3.18 7.23 -34.51
CA GLY A 33 -2.22 8.33 -34.51
C GLY A 33 -2.23 9.25 -33.29
N VAL A 34 -2.96 8.86 -32.23
CA VAL A 34 -2.92 9.61 -30.98
C VAL A 34 -1.58 9.31 -30.32
N PRO A 35 -0.74 10.33 -29.99
CA PRO A 35 0.52 10.07 -29.32
C PRO A 35 0.33 9.33 -28.00
N ALA A 36 1.27 8.43 -27.67
CA ALA A 36 1.24 7.70 -26.41
C ALA A 36 1.11 8.65 -25.22
N ASP A 37 1.91 9.72 -25.24
CA ASP A 37 1.92 10.68 -24.16
C ASP A 37 0.55 11.32 -23.96
N VAL A 38 -0.20 11.51 -25.07
CA VAL A 38 -1.53 12.09 -25.02
C VAL A 38 -2.50 11.11 -24.36
N VAL A 39 -2.43 9.83 -24.74
CA VAL A 39 -3.27 8.83 -24.09
C VAL A 39 -2.99 8.84 -22.57
N LEU A 40 -1.72 8.89 -22.17
CA LEU A 40 -1.40 8.82 -20.75
C LEU A 40 -1.79 10.08 -19.99
N LEU A 41 -1.50 11.26 -20.55
CA LEU A 41 -1.68 12.50 -19.80
C LEU A 41 -3.05 13.13 -19.99
N GLU A 42 -3.58 13.12 -21.21
CA GLU A 42 -4.87 13.75 -21.44
C GLU A 42 -6.07 12.83 -21.23
N LEU A 43 -5.86 11.51 -21.32
CA LEU A 43 -6.96 10.56 -21.12
C LEU A 43 -6.84 9.88 -19.75
N VAL A 44 -5.77 9.12 -19.52
CA VAL A 44 -5.67 8.34 -18.30
C VAL A 44 -5.57 9.22 -17.06
N ALA A 45 -4.62 10.16 -17.06
CA ALA A 45 -4.45 11.03 -15.91
C ALA A 45 -5.76 11.78 -15.60
N ASP A 46 -6.37 12.36 -16.64
CA ASP A 46 -7.63 13.08 -16.45
C ASP A 46 -8.74 12.20 -15.85
N ALA A 47 -8.86 10.96 -16.34
CA ALA A 47 -9.83 10.04 -15.76
C ALA A 47 -9.56 9.76 -14.28
N GLN A 48 -8.29 9.58 -13.90
CA GLN A 48 -7.94 9.31 -12.52
C GLN A 48 -8.25 10.49 -11.59
N VAL A 49 -8.07 11.72 -12.07
CA VAL A 49 -8.42 12.87 -11.25
C VAL A 49 -9.92 12.84 -10.96
N GLU A 50 -10.71 12.55 -11.99
CA GLU A 50 -12.17 12.57 -11.89
C GLU A 50 -12.66 11.46 -10.97
N ILE A 51 -12.01 10.30 -11.02
CA ILE A 51 -12.32 9.23 -10.06
C ILE A 51 -12.09 9.71 -8.62
N GLY A 52 -11.02 10.48 -8.42
CA GLY A 52 -10.73 11.08 -7.13
C GLY A 52 -11.83 12.06 -6.69
N VAL A 53 -12.32 12.88 -7.62
CA VAL A 53 -13.41 13.82 -7.35
C VAL A 53 -14.67 13.08 -6.92
N LEU A 54 -14.98 11.99 -7.63
CA LEU A 54 -16.15 11.18 -7.32
C LEU A 54 -16.02 10.52 -5.96
N TRP A 55 -14.82 10.00 -5.65
CA TRP A 55 -14.61 9.39 -4.35
C TRP A 55 -14.73 10.44 -3.25
N GLN A 56 -14.11 11.60 -3.46
CA GLN A 56 -14.11 12.65 -2.46
C GLN A 56 -15.55 13.03 -2.10
N ALA A 57 -16.39 13.10 -3.14
CA ALA A 57 -17.79 13.45 -3.01
C ALA A 57 -18.69 12.31 -2.51
N ASN A 58 -18.07 11.17 -2.19
CA ASN A 58 -18.79 9.96 -1.77
C ASN A 58 -19.78 9.47 -2.83
N ARG A 59 -19.45 9.72 -4.10
CA ARG A 59 -20.27 9.25 -5.19
C ARG A 59 -19.80 7.90 -5.71
N TRP A 60 -18.50 7.63 -5.54
CA TRP A 60 -17.88 6.33 -5.81
C TRP A 60 -17.31 5.69 -4.55
N SER A 61 -17.44 4.37 -4.44
CA SER A 61 -16.82 3.62 -3.36
C SER A 61 -15.34 3.34 -3.65
N VAL A 62 -14.65 2.84 -2.63
CA VAL A 62 -13.26 2.42 -2.75
C VAL A 62 -13.15 1.25 -3.74
N ALA A 63 -14.15 0.36 -3.74
CA ALA A 63 -14.17 -0.74 -4.67
C ALA A 63 -14.22 -0.23 -6.11
N GLN A 64 -15.10 0.75 -6.39
CA GLN A 64 -15.22 1.30 -7.73
C GLN A 64 -13.91 1.97 -8.19
N GLU A 65 -13.33 2.79 -7.31
CA GLU A 65 -12.02 3.39 -7.60
C GLU A 65 -10.94 2.33 -7.85
N HIS A 66 -10.84 1.32 -6.97
CA HIS A 66 -9.83 0.27 -7.11
C HIS A 66 -9.96 -0.42 -8.47
N ALA A 67 -11.19 -0.73 -8.89
CA ALA A 67 -11.41 -1.40 -10.17
C ALA A 67 -10.85 -0.55 -11.32
N ALA A 68 -11.16 0.73 -11.27
CA ALA A 68 -10.75 1.68 -12.29
C ALA A 68 -9.24 1.86 -12.33
N THR A 69 -8.65 2.10 -11.17
CA THR A 69 -7.23 2.36 -11.05
C THR A 69 -6.41 1.18 -11.59
N ALA A 70 -6.82 -0.05 -11.27
CA ALA A 70 -6.09 -1.21 -11.74
C ALA A 70 -6.14 -1.30 -13.27
N ILE A 71 -7.26 -0.89 -13.86
CA ILE A 71 -7.39 -0.87 -15.31
C ILE A 71 -6.52 0.24 -15.91
N SER A 72 -6.51 1.42 -15.29
CA SER A 72 -5.64 2.49 -15.73
C SER A 72 -4.17 2.05 -15.72
N GLU A 73 -3.75 1.26 -14.70
CA GLU A 73 -2.42 0.70 -14.70
C GLU A 73 -2.17 -0.24 -15.87
N ARG A 74 -3.19 -1.01 -16.26
CA ARG A 74 -3.06 -1.94 -17.40
C ARG A 74 -2.98 -1.14 -18.70
N VAL A 75 -3.72 -0.02 -18.79
CA VAL A 75 -3.65 0.85 -19.95
C VAL A 75 -2.24 1.42 -20.06
N ILE A 76 -1.71 1.92 -18.95
CA ILE A 76 -0.35 2.46 -18.94
C ILE A 76 0.68 1.42 -19.39
N ALA A 77 0.54 0.17 -18.96
CA ALA A 77 1.47 -0.90 -19.33
C ALA A 77 1.36 -1.23 -20.81
N ALA A 78 0.12 -1.39 -21.30
CA ALA A 78 -0.11 -1.67 -22.71
C ALA A 78 0.45 -0.59 -23.63
N VAL A 79 0.22 0.69 -23.26
CA VAL A 79 0.71 1.82 -24.03
C VAL A 79 2.24 1.87 -24.04
N GLY A 80 2.88 1.56 -22.89
CA GLY A 80 4.33 1.49 -22.79
C GLY A 80 4.97 0.27 -23.45
N ASP A 81 4.21 -0.83 -23.56
CA ASP A 81 4.65 -1.98 -24.34
C ASP A 81 4.65 -1.65 -25.84
N ARG A 82 4.50 -0.35 -26.19
CA ARG A 82 4.49 0.12 -27.56
C ARG A 82 5.26 1.43 -27.83
N ALA A 83 5.23 2.37 -26.87
CA ALA A 83 5.79 3.69 -27.06
C ALA A 83 7.25 3.84 -26.63
N ALA A 84 7.75 2.90 -25.81
CA ALA A 84 9.09 2.99 -25.25
C ALA A 84 10.16 2.92 -26.34
N ALA A 85 11.09 3.88 -26.31
CA ALA A 85 12.23 3.89 -27.22
C ALA A 85 13.41 3.12 -26.62
N ALA A 86 14.34 2.67 -27.47
CA ALA A 86 15.55 2.01 -26.99
C ALA A 86 16.27 2.96 -26.04
N PRO A 87 16.79 2.49 -24.89
CA PRO A 87 17.48 3.37 -23.96
C PRO A 87 18.79 3.90 -24.54
N THR A 88 18.86 5.22 -24.79
CA THR A 88 20.08 5.83 -25.29
C THR A 88 20.52 7.07 -24.52
N ARG A 89 19.71 7.54 -23.56
CA ARG A 89 19.96 8.83 -22.94
C ARG A 89 20.69 8.75 -21.60
N GLY A 90 20.54 7.61 -20.90
CA GLY A 90 20.98 7.49 -19.52
C GLY A 90 19.95 6.74 -18.67
N HIS A 91 20.13 6.80 -17.34
CA HIS A 91 19.43 5.95 -16.39
C HIS A 91 18.77 6.83 -15.32
N VAL A 92 17.46 6.64 -15.15
CA VAL A 92 16.71 7.31 -14.11
C VAL A 92 16.03 6.27 -13.24
N VAL A 93 16.12 6.45 -11.92
CA VAL A 93 15.38 5.66 -10.96
C VAL A 93 14.16 6.48 -10.51
N VAL A 94 12.98 5.86 -10.62
CA VAL A 94 11.72 6.50 -10.25
C VAL A 94 11.19 5.80 -9.01
N ALA A 95 10.95 6.59 -7.94
CA ALA A 95 10.47 6.05 -6.68
C ALA A 95 9.47 6.99 -5.99
N CYS A 96 8.51 6.36 -5.33
CA CYS A 96 7.67 7.07 -4.39
C CYS A 96 8.37 7.16 -3.04
N LEU A 97 8.08 8.24 -2.32
CA LEU A 97 8.54 8.40 -0.95
C LEU A 97 8.05 7.26 -0.06
N ASP A 98 8.81 7.00 0.99
CA ASP A 98 8.35 6.11 2.05
C ASP A 98 6.97 6.57 2.51
N GLY A 99 6.01 5.63 2.59
CA GLY A 99 4.66 5.96 3.00
C GLY A 99 3.73 6.54 1.94
N GLU A 100 4.22 6.61 0.68
CA GLU A 100 3.48 7.14 -0.45
C GLU A 100 3.10 5.98 -1.37
N TRP A 101 1.79 5.70 -1.45
CA TRP A 101 1.30 4.55 -2.22
C TRP A 101 0.56 4.93 -3.50
N HIS A 102 0.60 6.23 -3.86
CA HIS A 102 0.14 6.64 -5.19
C HIS A 102 1.27 6.39 -6.20
N ALA A 103 1.33 5.16 -6.70
CA ALA A 103 2.34 4.75 -7.66
C ALA A 103 2.01 5.18 -9.10
N LEU A 104 0.72 5.34 -9.43
CA LEU A 104 0.33 5.56 -10.81
C LEU A 104 0.88 6.88 -11.38
N PRO A 105 0.87 8.01 -10.65
CA PRO A 105 1.50 9.23 -11.16
C PRO A 105 2.97 8.98 -11.53
N ALA A 106 3.67 8.23 -10.68
CA ALA A 106 5.08 7.93 -10.91
C ALA A 106 5.27 7.00 -12.10
N ARG A 107 4.33 6.07 -12.29
CA ARG A 107 4.37 5.18 -13.44
C ARG A 107 4.22 5.95 -14.75
N ILE A 108 3.38 6.99 -14.77
CA ILE A 108 3.24 7.82 -15.96
C ILE A 108 4.56 8.55 -16.27
N VAL A 109 5.18 9.11 -15.23
CA VAL A 109 6.50 9.72 -15.41
C VAL A 109 7.49 8.72 -16.01
N ALA A 110 7.53 7.50 -15.45
CA ALA A 110 8.44 6.46 -15.93
C ALA A 110 8.21 6.15 -17.40
N GLU A 111 6.95 5.99 -17.80
CA GLU A 111 6.64 5.62 -19.17
C GLU A 111 6.98 6.72 -20.17
N VAL A 112 6.64 7.97 -19.80
CA VAL A 112 6.97 9.12 -20.62
C VAL A 112 8.48 9.26 -20.83
N LEU A 113 9.27 9.09 -19.76
CA LEU A 113 10.71 9.10 -19.86
C LEU A 113 11.23 7.99 -20.77
N ARG A 114 10.71 6.76 -20.62
CA ARG A 114 11.10 5.69 -21.52
C ARG A 114 10.82 6.03 -22.99
N GLY A 115 9.69 6.69 -23.24
CA GLY A 115 9.35 7.15 -24.58
C GLY A 115 10.36 8.11 -25.20
N ARG A 116 11.10 8.82 -24.36
N ARG A 116 11.10 8.82 -24.36
CA ARG A 116 12.15 9.74 -24.80
CA ARG A 116 12.15 9.73 -24.80
C ARG A 116 13.55 9.11 -24.78
C ARG A 116 13.54 9.11 -24.79
N GLY A 117 13.62 7.78 -24.57
CA GLY A 117 14.88 7.06 -24.65
C GLY A 117 15.68 6.89 -23.35
N TRP A 118 15.07 7.23 -22.21
CA TRP A 118 15.67 6.98 -20.92
C TRP A 118 15.49 5.52 -20.50
N ARG A 119 16.54 4.94 -19.92
CA ARG A 119 16.39 3.67 -19.22
C ARG A 119 15.85 4.03 -17.84
N VAL A 120 14.68 3.49 -17.50
CA VAL A 120 14.05 3.79 -16.23
C VAL A 120 13.92 2.52 -15.41
N THR A 121 14.40 2.57 -14.17
CA THR A 121 14.07 1.53 -13.19
C THR A 121 12.97 2.06 -12.28
N PHE A 122 11.79 1.43 -12.35
CA PHE A 122 10.65 1.87 -11.58
C PHE A 122 10.55 1.13 -10.27
N LEU A 123 10.62 1.88 -9.15
CA LEU A 123 10.53 1.26 -7.83
C LEU A 123 9.13 1.42 -7.24
N GLY A 124 8.38 2.43 -7.71
CA GLY A 124 7.00 2.58 -7.31
C GLY A 124 6.82 2.93 -5.83
N ALA A 125 5.73 2.39 -5.26
CA ALA A 125 5.23 2.78 -3.94
C ALA A 125 6.25 2.60 -2.82
N SER A 126 6.31 3.59 -1.93
CA SER A 126 6.84 3.46 -0.60
C SER A 126 8.23 2.83 -0.47
N VAL A 127 9.26 3.59 -0.85
CA VAL A 127 10.63 3.12 -0.74
C VAL A 127 11.31 3.85 0.43
N PRO A 128 11.66 3.18 1.54
CA PRO A 128 12.39 3.86 2.63
C PRO A 128 13.73 4.41 2.15
N ALA A 129 14.07 5.61 2.64
CA ALA A 129 15.35 6.23 2.30
C ALA A 129 16.52 5.33 2.66
N ALA A 130 16.41 4.58 3.78
CA ALA A 130 17.47 3.69 4.19
C ALA A 130 17.79 2.60 3.16
N HIS A 131 16.82 2.30 2.29
CA HIS A 131 16.97 1.32 1.22
C HIS A 131 17.24 2.01 -0.12
N LEU A 132 16.63 3.18 -0.35
CA LEU A 132 16.83 3.92 -1.59
C LEU A 132 18.25 4.43 -1.73
N VAL A 133 18.80 4.99 -0.64
CA VAL A 133 20.14 5.56 -0.70
C VAL A 133 21.18 4.54 -1.14
N PRO A 134 21.29 3.36 -0.50
CA PRO A 134 22.24 2.34 -0.99
C PRO A 134 21.96 1.88 -2.43
N TYR A 135 20.71 1.89 -2.88
CA TYR A 135 20.39 1.55 -4.27
C TYR A 135 21.00 2.59 -5.22
N LEU A 136 20.90 3.88 -4.86
CA LEU A 136 21.49 4.94 -5.65
C LEU A 136 23.02 4.88 -5.64
N GLU A 137 23.59 4.50 -4.48
CA GLU A 137 25.04 4.34 -4.37
C GLU A 137 25.53 3.16 -5.21
N GLU A 138 24.72 2.10 -5.25
CA GLU A 138 25.03 0.90 -6.01
C GLU A 138 25.05 1.13 -7.52
N HIS A 139 24.10 1.93 -8.04
CA HIS A 139 23.87 2.01 -9.48
C HIS A 139 24.19 3.38 -10.10
N GLY A 140 24.36 4.42 -9.26
CA GLY A 140 24.73 5.74 -9.77
C GLY A 140 23.92 6.21 -10.98
N PRO A 141 22.57 6.22 -10.90
CA PRO A 141 21.76 6.72 -12.01
C PRO A 141 22.04 8.20 -12.26
N ASP A 142 21.74 8.66 -13.47
CA ASP A 142 21.87 10.07 -13.81
C ASP A 142 20.95 10.99 -13.01
N ALA A 143 19.81 10.45 -12.59
CA ALA A 143 18.86 11.15 -11.73
C ALA A 143 17.96 10.15 -11.00
N VAL A 144 17.49 10.58 -9.82
CA VAL A 144 16.40 9.94 -9.13
C VAL A 144 15.19 10.87 -9.20
N ALA A 145 14.04 10.28 -9.52
CA ALA A 145 12.79 11.02 -9.63
C ALA A 145 11.90 10.61 -8.48
N LEU A 146 11.60 11.55 -7.56
CA LEU A 146 10.87 11.24 -6.34
C LEU A 146 9.44 11.75 -6.48
N SER A 147 8.47 10.87 -6.25
CA SER A 147 7.06 11.20 -6.35
C SER A 147 6.39 11.27 -4.98
N CYS A 148 5.63 12.35 -4.75
CA CYS A 148 4.91 12.58 -3.50
C CYS A 148 3.54 13.13 -3.91
N THR A 149 2.46 12.47 -3.50
CA THR A 149 1.10 12.87 -3.87
C THR A 149 0.36 13.53 -2.71
N LEU A 150 0.68 13.13 -1.48
CA LEU A 150 0.04 13.70 -0.30
C LEU A 150 0.88 14.81 0.33
N PRO A 151 0.39 16.05 0.42
CA PRO A 151 1.12 17.09 1.16
C PRO A 151 1.51 16.73 2.60
N ARG A 152 0.77 15.80 3.23
CA ARG A 152 1.17 15.36 4.56
C ARG A 152 2.53 14.65 4.57
N GLY A 153 2.98 14.19 3.40
CA GLY A 153 4.28 13.57 3.26
C GLY A 153 5.45 14.54 3.10
N LEU A 154 5.18 15.85 3.17
CA LEU A 154 6.22 16.81 2.88
C LEU A 154 7.42 16.74 3.83
N PRO A 155 7.25 16.56 5.18
CA PRO A 155 8.39 16.38 6.07
C PRO A 155 9.29 15.22 5.65
N ARG A 156 8.66 14.09 5.32
CA ARG A 156 9.40 12.95 4.80
C ARG A 156 10.11 13.26 3.48
N ALA A 157 9.41 13.95 2.56
CA ALA A 157 10.00 14.37 1.30
C ALA A 157 11.30 15.14 1.51
N ASP A 158 11.26 16.08 2.46
CA ASP A 158 12.43 16.91 2.72
C ASP A 158 13.61 16.04 3.13
N GLN A 159 13.34 15.05 3.99
CA GLN A 159 14.39 14.18 4.51
C GLN A 159 14.98 13.30 3.40
N VAL A 160 14.08 12.72 2.60
CA VAL A 160 14.49 11.76 1.58
C VAL A 160 15.25 12.49 0.46
N VAL A 161 14.76 13.66 0.07
CA VAL A 161 15.48 14.47 -0.90
C VAL A 161 16.90 14.79 -0.44
N ALA A 162 17.05 15.27 0.81
CA ALA A 162 18.35 15.54 1.40
C ALA A 162 19.26 14.31 1.36
N ALA A 163 18.73 13.17 1.78
CA ALA A 163 19.52 11.94 1.77
C ALA A 163 19.97 11.56 0.35
N CYS A 164 19.08 11.72 -0.63
CA CYS A 164 19.43 11.42 -2.01
C CYS A 164 20.49 12.38 -2.55
N ARG A 165 20.32 13.68 -2.28
CA ARG A 165 21.31 14.66 -2.68
C ARG A 165 22.69 14.37 -2.09
N ALA A 166 22.74 13.85 -0.86
CA ALA A 166 24.01 13.51 -0.23
C ALA A 166 24.77 12.42 -0.96
N THR A 167 24.09 11.61 -1.80
CA THR A 167 24.77 10.63 -2.65
C THR A 167 25.39 11.27 -3.89
N GLY A 168 25.09 12.55 -4.13
CA GLY A 168 25.50 13.23 -5.35
C GLY A 168 24.59 12.97 -6.55
N THR A 169 23.48 12.24 -6.35
CA THR A 169 22.53 11.96 -7.41
C THR A 169 21.62 13.17 -7.59
N PRO A 170 21.50 13.76 -8.81
CA PRO A 170 20.52 14.82 -9.06
C PRO A 170 19.12 14.32 -8.76
N VAL A 171 18.32 15.17 -8.09
CA VAL A 171 16.96 14.85 -7.69
C VAL A 171 15.93 15.69 -8.43
N LEU A 172 14.99 14.99 -9.07
CA LEU A 172 13.77 15.57 -9.61
C LEU A 172 12.66 15.24 -8.63
N VAL A 173 11.74 16.19 -8.43
CA VAL A 173 10.58 15.92 -7.60
C VAL A 173 9.30 16.30 -8.32
N GLY A 174 8.22 15.65 -7.90
CA GLY A 174 6.91 16.01 -8.40
C GLY A 174 5.80 15.21 -7.71
N GLY A 175 4.59 15.46 -8.18
CA GLY A 175 3.38 14.90 -7.61
C GLY A 175 2.60 15.98 -6.87
N LEU A 176 1.31 15.71 -6.63
CA LEU A 176 0.44 16.65 -5.96
C LEU A 176 0.88 17.09 -4.56
N GLY A 177 1.75 16.30 -3.93
CA GLY A 177 2.21 16.58 -2.58
C GLY A 177 2.99 17.89 -2.48
N PHE A 178 3.58 18.32 -3.62
CA PHE A 178 4.32 19.57 -3.68
C PHE A 178 3.41 20.73 -4.05
N GLY A 179 2.09 20.48 -4.14
CA GLY A 179 1.12 21.48 -4.53
C GLY A 179 0.92 21.55 -6.04
N PRO A 180 -0.30 21.91 -6.54
CA PRO A 180 -0.56 21.94 -7.97
C PRO A 180 0.42 22.77 -8.80
N ASP A 181 1.00 23.86 -8.24
CA ASP A 181 1.98 24.61 -9.01
C ASP A 181 3.41 24.50 -8.49
N GLY A 182 3.67 23.49 -7.66
CA GLY A 182 5.00 23.19 -7.16
C GLY A 182 5.45 24.01 -5.96
N ARG A 183 4.54 24.80 -5.38
CA ARG A 183 4.89 25.72 -4.31
C ARG A 183 5.73 25.09 -3.19
N TRP A 184 5.33 23.92 -2.70
CA TRP A 184 6.01 23.35 -1.55
C TRP A 184 7.38 22.73 -1.88
N ALA A 185 7.63 22.37 -3.14
CA ALA A 185 8.98 22.05 -3.57
C ALA A 185 9.87 23.30 -3.54
N ARG A 186 9.33 24.43 -4.01
CA ARG A 186 10.08 25.68 -4.01
C ARG A 186 10.34 26.17 -2.57
N VAL A 187 9.32 26.10 -1.71
CA VAL A 187 9.49 26.47 -0.30
C VAL A 187 10.62 25.69 0.37
N LEU A 188 10.67 24.39 0.12
CA LEU A 188 11.68 23.53 0.73
C LEU A 188 13.04 23.55 0.04
N GLY A 189 13.10 24.04 -1.20
CA GLY A 189 14.32 23.94 -1.99
C GLY A 189 14.62 22.50 -2.34
N ALA A 190 13.55 21.73 -2.59
CA ALA A 190 13.65 20.28 -2.66
C ALA A 190 13.83 19.83 -4.10
N GLY A 191 15.10 19.70 -4.51
CA GLY A 191 15.44 19.21 -5.84
C GLY A 191 14.94 20.17 -6.93
N THR A 192 14.69 19.60 -8.11
CA THR A 192 14.10 20.34 -9.21
C THR A 192 12.69 19.78 -9.42
N TRP A 193 11.68 20.64 -9.29
CA TRP A 193 10.30 20.24 -9.49
C TRP A 193 9.85 20.41 -10.94
N ALA A 194 8.90 19.58 -11.38
CA ALA A 194 8.20 19.80 -12.62
C ALA A 194 6.75 19.32 -12.50
N PRO A 195 5.81 19.95 -13.24
CA PRO A 195 4.37 19.69 -13.08
C PRO A 195 3.84 18.40 -13.70
N THR A 196 4.52 17.90 -14.74
CA THR A 196 4.03 16.78 -15.53
C THR A 196 5.17 15.93 -16.04
N ALA A 197 4.83 14.74 -16.56
CA ALA A 197 5.83 13.87 -17.15
C ALA A 197 6.49 14.56 -18.35
N ARG A 198 5.69 15.26 -19.16
CA ARG A 198 6.21 16.02 -20.30
C ARG A 198 7.27 17.02 -19.85
N ALA A 199 6.95 17.80 -18.81
CA ALA A 199 7.88 18.81 -18.30
C ALA A 199 9.13 18.18 -17.69
N ALA A 200 8.98 17.03 -17.03
CA ALA A 200 10.12 16.29 -16.51
C ALA A 200 11.09 15.91 -17.64
N ALA A 201 10.53 15.32 -18.70
CA ALA A 201 11.34 15.00 -19.88
C ALA A 201 12.06 16.22 -20.44
N ASP A 202 11.37 17.37 -20.50
CA ASP A 202 11.98 18.60 -21.00
C ASP A 202 13.15 19.07 -20.13
N LEU A 203 13.02 18.93 -18.80
CA LEU A 203 14.12 19.26 -17.90
C LEU A 203 15.34 18.39 -18.15
N LEU A 204 15.11 17.08 -18.36
CA LEU A 204 16.19 16.14 -18.57
C LEU A 204 16.91 16.39 -19.89
N ASP A 205 16.22 17.04 -20.85
CA ASP A 205 16.83 17.45 -22.10
C ASP A 205 17.70 18.71 -22.07
N ARG A 206 17.70 19.44 -20.95
CA ARG A 206 18.57 20.60 -20.79
C ARG A 206 20.05 20.18 -20.77
N PRO A 207 21.00 21.14 -20.87
CA PRO A 207 22.40 20.84 -20.58
C PRO A 207 22.75 21.00 -19.09
N GLU A 208 21.88 20.49 -18.22
CA GLU A 208 22.07 20.50 -16.77
C GLU A 208 21.55 19.18 -16.14
N PRO A 218 21.99 21.42 5.97
CA PRO A 218 21.85 22.45 7.01
C PRO A 218 20.42 22.93 7.17
N ARG A 219 19.68 22.30 8.10
CA ARG A 219 18.28 22.63 8.34
C ARG A 219 17.88 22.46 9.81
N PRO A 220 17.90 23.52 10.65
CA PRO A 220 17.63 23.37 12.09
C PRO A 220 16.18 22.93 12.33
N ALA A 221 16.00 22.01 13.28
CA ALA A 221 14.67 21.49 13.59
C ALA A 221 13.84 22.61 14.19
N ASP A 222 12.54 22.65 13.86
CA ASP A 222 11.61 23.55 14.51
C ASP A 222 11.01 22.81 15.70
N PRO A 223 11.26 23.23 16.96
CA PRO A 223 10.66 22.57 18.12
C PRO A 223 9.13 22.49 18.06
N GLU A 224 8.48 23.42 17.35
CA GLU A 224 7.04 23.39 17.19
C GLU A 224 6.54 22.19 16.39
N TYR A 225 7.27 21.87 15.30
CA TYR A 225 7.01 20.67 14.56
C TYR A 225 7.22 19.42 15.43
N ALA A 226 8.37 19.38 16.12
CA ALA A 226 8.71 18.28 17.00
C ALA A 226 7.59 18.03 18.02
N ALA A 227 7.01 19.11 18.55
CA ALA A 227 5.95 19.03 19.54
C ALA A 227 4.66 18.43 18.97
N LEU A 228 4.34 18.75 17.70
CA LEU A 228 3.18 18.18 17.04
C LEU A 228 3.30 16.67 16.84
N ARG A 229 4.54 16.18 16.70
CA ARG A 229 4.78 14.74 16.59
C ARG A 229 4.74 14.10 17.97
N ALA A 230 5.43 14.72 18.94
CA ALA A 230 5.60 14.15 20.27
C ALA A 230 4.27 14.14 21.04
N ARG A 231 3.43 15.16 20.81
CA ARG A 231 2.20 15.30 21.57
C ARG A 231 0.95 14.87 20.79
N ARG A 232 1.14 14.11 19.71
CA ARG A 232 0.04 13.73 18.83
C ARG A 232 -1.14 13.09 19.57
N ALA A 233 -0.84 12.10 20.43
CA ALA A 233 -1.87 11.38 21.16
C ALA A 233 -2.63 12.30 22.11
N GLU A 234 -1.91 13.15 22.84
CA GLU A 234 -2.50 14.17 23.69
C GLU A 234 -3.49 15.06 22.93
N LEU A 235 -3.11 15.45 21.70
CA LEU A 235 -3.88 16.41 20.94
C LEU A 235 -5.14 15.73 20.37
N VAL A 236 -4.98 14.50 19.91
CA VAL A 236 -6.11 13.68 19.48
C VAL A 236 -7.11 13.55 20.62
N ASP A 237 -6.60 13.23 21.82
CA ASP A 237 -7.43 13.08 22.99
C ASP A 237 -8.18 14.37 23.34
N ALA A 238 -7.49 15.51 23.22
CA ALA A 238 -8.09 16.81 23.47
C ALA A 238 -9.22 17.11 22.48
N GLY A 239 -8.99 16.81 21.20
CA GLY A 239 -10.02 16.90 20.17
C GLY A 239 -11.24 16.02 20.48
N LEU A 240 -10.98 14.77 20.88
CA LEU A 240 -12.05 13.86 21.24
C LEU A 240 -12.87 14.36 22.43
N ALA A 241 -12.18 14.84 23.48
CA ALA A 241 -12.88 15.35 24.65
C ALA A 241 -13.77 16.53 24.29
N ALA A 242 -13.30 17.40 23.37
CA ALA A 242 -14.11 18.53 22.94
C ALA A 242 -15.33 18.05 22.15
N LEU A 243 -15.15 17.02 21.32
CA LEU A 243 -16.26 16.44 20.58
C LEU A 243 -17.28 15.84 21.54
N HIS A 244 -16.79 15.19 22.61
CA HIS A 244 -17.66 14.67 23.66
C HIS A 244 -18.53 15.80 24.25
N GLU A 245 -17.93 16.97 24.48
CA GLU A 245 -18.66 18.09 25.07
C GLU A 245 -19.63 18.77 24.11
N TRP A 246 -19.29 18.84 22.82
CA TRP A 246 -19.99 19.72 21.89
C TRP A 246 -20.70 19.07 20.70
N PHE A 247 -20.32 17.84 20.34
CA PHE A 247 -20.74 17.26 19.08
C PHE A 247 -21.61 16.03 19.35
N PRO A 248 -22.96 16.18 19.38
CA PRO A 248 -23.83 15.10 19.86
C PRO A 248 -23.64 13.72 19.22
N PRO A 249 -23.45 13.59 17.88
CA PRO A 249 -23.39 12.26 17.27
C PRO A 249 -22.36 11.32 17.88
N LEU A 250 -21.23 11.86 18.33
CA LEU A 250 -20.18 11.07 18.98
C LEU A 250 -20.71 10.14 20.08
N ARG A 251 -21.72 10.62 20.82
CA ARG A 251 -22.29 9.86 21.91
C ARG A 251 -22.89 8.53 21.46
N ASP A 252 -23.34 8.47 20.20
CA ASP A 252 -24.01 7.30 19.67
C ASP A 252 -23.14 6.49 18.71
N TYR A 253 -21.86 6.87 18.57
CA TYR A 253 -20.97 6.14 17.66
C TYR A 253 -20.66 4.74 18.17
N ASP A 254 -20.69 3.76 17.26
CA ASP A 254 -20.17 2.42 17.53
C ASP A 254 -18.63 2.44 17.41
N ALA A 255 -18.00 1.27 17.59
CA ALA A 255 -16.55 1.15 17.53
C ALA A 255 -15.95 1.70 16.24
N ARG A 256 -16.59 1.35 15.12
CA ARG A 256 -16.15 1.74 13.79
C ARG A 256 -16.13 3.25 13.56
N ARG A 257 -17.21 3.93 13.97
CA ARG A 257 -17.28 5.38 13.85
C ARG A 257 -16.36 6.09 14.82
N LEU A 258 -16.18 5.54 16.02
CA LEU A 258 -15.23 6.09 16.97
C LEU A 258 -13.80 5.96 16.45
N ASP A 259 -13.49 4.81 15.85
CA ASP A 259 -12.17 4.61 15.26
C ASP A 259 -11.88 5.54 14.08
N ALA A 260 -12.90 5.76 13.24
CA ALA A 260 -12.77 6.72 12.15
C ALA A 260 -12.54 8.14 12.67
N THR A 261 -13.29 8.53 13.70
CA THR A 261 -13.07 9.81 14.34
C THR A 261 -11.62 9.97 14.82
N LEU A 262 -11.12 8.93 15.53
CA LEU A 262 -9.74 8.95 16.01
C LEU A 262 -8.71 9.00 14.89
N ASP A 263 -8.93 8.22 13.82
CA ASP A 263 -8.10 8.28 12.63
C ASP A 263 -8.07 9.68 12.03
N ASP A 264 -9.24 10.30 11.88
CA ASP A 264 -9.34 11.62 11.29
C ASP A 264 -8.70 12.68 12.16
N LEU A 265 -8.86 12.57 13.48
CA LEU A 265 -8.22 13.49 14.40
C LEU A 265 -6.70 13.40 14.28
N GLY A 266 -6.17 12.17 14.20
CA GLY A 266 -4.75 12.02 13.95
C GLY A 266 -4.28 12.66 12.65
N ASP A 267 -5.10 12.50 11.59
CA ASP A 267 -4.78 13.11 10.31
C ASP A 267 -4.81 14.63 10.37
N ILE A 268 -5.74 15.18 11.16
CA ILE A 268 -5.77 16.62 11.35
C ILE A 268 -4.45 17.08 11.98
N VAL A 269 -4.00 16.38 13.02
CA VAL A 269 -2.74 16.73 13.67
C VAL A 269 -1.57 16.61 12.69
N ASP A 270 -1.57 15.53 11.90
CA ASP A 270 -0.48 15.26 10.98
C ASP A 270 -0.39 16.28 9.85
N HIS A 271 -1.53 16.75 9.33
CA HIS A 271 -1.53 17.79 8.31
C HIS A 271 -1.14 19.14 8.90
N LEU A 272 -1.52 19.41 10.16
CA LEU A 272 -1.05 20.58 10.88
C LEU A 272 0.47 20.52 11.02
N ALA A 273 1.01 19.35 11.34
CA ALA A 273 2.45 19.17 11.41
C ALA A 273 3.14 19.46 10.07
N ALA A 274 2.59 18.93 8.97
CA ALA A 274 3.14 19.20 7.64
C ALA A 274 3.10 20.68 7.29
N SER A 275 1.97 21.33 7.59
N SER A 275 1.97 21.33 7.59
CA SER A 275 1.82 22.76 7.35
CA SER A 275 1.80 22.75 7.36
C SER A 275 2.86 23.57 8.09
C SER A 275 2.86 23.57 8.09
N VAL A 276 3.05 23.27 9.39
CA VAL A 276 4.04 23.94 10.20
C VAL A 276 5.45 23.66 9.68
N TYR A 277 5.70 22.42 9.25
CA TYR A 277 7.00 22.04 8.73
C TYR A 277 7.45 22.90 7.55
N VAL A 278 6.55 23.11 6.58
CA VAL A 278 6.85 23.97 5.43
C VAL A 278 6.52 25.45 5.69
N ASP A 279 5.97 25.71 6.87
CA ASP A 279 5.54 27.01 7.34
C ASP A 279 4.69 27.74 6.30
N ASP A 280 3.72 27.01 5.72
CA ASP A 280 2.78 27.60 4.78
C ASP A 280 1.36 27.27 5.22
N PRO A 281 0.68 28.21 5.93
CA PRO A 281 -0.66 27.99 6.45
C PRO A 281 -1.69 27.53 5.43
N GLU A 282 -1.46 27.83 4.15
CA GLU A 282 -2.41 27.41 3.12
C GLU A 282 -2.43 25.90 2.94
N LEU A 283 -1.38 25.19 3.34
CA LEU A 283 -1.46 23.73 3.38
C LEU A 283 -2.56 23.31 4.35
N PHE A 284 -2.50 23.78 5.60
CA PHE A 284 -3.51 23.41 6.58
C PHE A 284 -4.88 23.93 6.20
N GLY A 285 -4.94 25.17 5.70
CA GLY A 285 -6.16 25.77 5.20
C GLY A 285 -6.89 24.93 4.14
N GLU A 286 -6.17 24.56 3.07
CA GLU A 286 -6.72 23.72 2.03
C GLU A 286 -7.10 22.32 2.55
N PHE A 287 -6.28 21.77 3.45
CA PHE A 287 -6.61 20.48 4.07
C PHE A 287 -7.94 20.54 4.81
N VAL A 288 -8.14 21.60 5.60
CA VAL A 288 -9.34 21.71 6.42
C VAL A 288 -10.58 21.83 5.55
N THR A 289 -10.51 22.63 4.48
CA THR A 289 -11.66 22.80 3.59
C THR A 289 -11.95 21.49 2.84
N TRP A 290 -10.90 20.79 2.42
CA TRP A 290 -11.03 19.47 1.83
C TRP A 290 -11.69 18.46 2.77
N THR A 291 -11.22 18.46 4.02
CA THR A 291 -11.80 17.62 5.05
C THR A 291 -13.28 17.89 5.25
N ALA A 292 -13.65 19.18 5.27
CA ALA A 292 -15.06 19.54 5.41
C ALA A 292 -15.90 18.90 4.31
N GLU A 293 -15.40 18.92 3.07
CA GLU A 293 -16.14 18.37 1.94
C GLU A 293 -16.29 16.86 2.04
N VAL A 294 -15.19 16.19 2.42
CA VAL A 294 -15.16 14.74 2.61
C VAL A 294 -16.18 14.32 3.66
N LEU A 295 -16.14 14.99 4.83
CA LEU A 295 -17.03 14.65 5.92
C LEU A 295 -18.49 14.98 5.61
N ALA A 296 -18.76 16.18 5.05
CA ALA A 296 -20.12 16.57 4.73
C ALA A 296 -20.78 15.57 3.78
N ALA A 297 -19.99 15.08 2.79
CA ALA A 297 -20.48 14.15 1.79
C ALA A 297 -20.82 12.81 2.41
N ARG A 298 -20.27 12.53 3.60
CA ARG A 298 -20.53 11.31 4.33
C ARG A 298 -21.47 11.48 5.52
N GLY A 299 -22.14 12.65 5.58
CA GLY A 299 -23.15 12.93 6.58
C GLY A 299 -22.60 13.32 7.95
N VAL A 300 -21.30 13.66 8.02
CA VAL A 300 -20.67 14.15 9.23
C VAL A 300 -20.54 15.67 9.16
N SER A 301 -21.13 16.39 10.13
CA SER A 301 -21.10 17.84 10.11
C SER A 301 -19.67 18.36 10.16
N PRO A 302 -19.23 19.21 9.21
CA PRO A 302 -17.89 19.79 9.28
C PRO A 302 -17.69 20.70 10.51
N ALA A 303 -18.77 21.12 11.16
CA ALA A 303 -18.67 21.87 12.40
C ALA A 303 -17.87 21.09 13.46
N SER A 304 -17.93 19.75 13.39
CA SER A 304 -17.10 18.89 14.21
C SER A 304 -15.61 19.22 14.14
N VAL A 305 -15.14 19.58 12.94
CA VAL A 305 -13.75 19.95 12.72
C VAL A 305 -13.39 21.21 13.51
N GLU A 306 -14.28 22.21 13.47
CA GLU A 306 -14.08 23.44 14.22
C GLU A 306 -13.94 23.17 15.71
N VAL A 307 -14.77 22.25 16.23
CA VAL A 307 -14.71 21.84 17.63
C VAL A 307 -13.31 21.33 17.98
N ALA A 308 -12.79 20.43 17.13
CA ALA A 308 -11.47 19.84 17.32
C ALA A 308 -10.36 20.87 17.20
N LEU A 309 -10.43 21.74 16.18
CA LEU A 309 -9.42 22.77 15.99
C LEU A 309 -9.37 23.74 17.17
N GLU A 310 -10.53 24.13 17.71
CA GLU A 310 -10.55 25.08 18.80
C GLU A 310 -9.89 24.45 20.03
N ALA A 311 -10.13 23.15 20.24
CA ALA A 311 -9.55 22.40 21.35
C ALA A 311 -8.03 22.29 21.24
N ILE A 312 -7.54 22.02 20.03
CA ILE A 312 -6.11 21.91 19.78
C ILE A 312 -5.44 23.28 19.94
N ALA A 313 -6.15 24.34 19.51
CA ALA A 313 -5.60 25.69 19.60
C ALA A 313 -5.40 26.11 21.05
N ARG A 314 -6.33 25.68 21.93
CA ARG A 314 -6.25 25.95 23.35
C ARG A 314 -5.01 25.32 23.95
N VAL A 315 -4.79 24.03 23.65
CA VAL A 315 -3.65 23.30 24.18
C VAL A 315 -2.32 23.91 23.73
N LEU A 316 -2.26 24.36 22.47
CA LEU A 316 -1.01 24.84 21.86
C LEU A 316 -0.91 26.35 21.71
N ASP A 317 -1.64 27.09 22.53
CA ASP A 317 -1.77 28.54 22.35
C ASP A 317 -0.48 29.31 22.62
N ASP A 318 0.49 28.67 23.31
CA ASP A 318 1.80 29.27 23.48
C ASP A 318 2.83 28.79 22.46
N HIS A 319 2.37 28.16 21.38
CA HIS A 319 3.21 27.83 20.24
C HIS A 319 2.82 28.76 19.09
N PRO A 320 3.55 29.88 18.88
CA PRO A 320 3.05 30.96 18.00
C PRO A 320 2.83 30.55 16.55
N ARG A 321 3.76 29.78 15.96
CA ARG A 321 3.60 29.34 14.57
C ARG A 321 2.41 28.41 14.44
N THR A 322 2.35 27.38 15.29
CA THR A 322 1.22 26.46 15.28
C THR A 322 -0.12 27.19 15.47
N ARG A 323 -0.14 28.13 16.43
CA ARG A 323 -1.31 28.95 16.69
C ARG A 323 -1.79 29.68 15.44
N HIS A 324 -0.85 30.30 14.71
CA HIS A 324 -1.15 30.99 13.45
C HIS A 324 -1.75 30.03 12.41
N HIS A 325 -1.17 28.85 12.26
CA HIS A 325 -1.67 27.87 11.29
C HIS A 325 -3.09 27.42 11.67
N LEU A 326 -3.33 27.21 12.97
CA LEU A 326 -4.64 26.77 13.44
C LEU A 326 -5.67 27.88 13.19
N ASP A 327 -5.29 29.12 13.50
CA ASP A 327 -6.16 30.26 13.26
C ASP A 327 -6.54 30.30 11.77
N HIS A 328 -5.55 30.17 10.90
CA HIS A 328 -5.77 30.19 9.46
C HIS A 328 -6.71 29.06 9.05
N GLY A 329 -6.51 27.85 9.63
CA GLY A 329 -7.39 26.73 9.35
C GLY A 329 -8.85 26.99 9.74
N ARG A 330 -9.05 27.54 10.94
CA ARG A 330 -10.37 27.87 11.42
C ARG A 330 -11.05 28.94 10.55
N ARG A 331 -10.27 29.93 10.11
CA ARG A 331 -10.82 30.98 9.26
C ARG A 331 -11.19 30.42 7.89
N ALA A 332 -10.36 29.50 7.36
CA ALA A 332 -10.65 28.86 6.09
C ALA A 332 -11.92 28.00 6.17
N LEU A 333 -12.08 27.26 7.27
CA LEU A 333 -13.29 26.46 7.47
C LEU A 333 -14.53 27.35 7.59
N ALA A 334 -14.43 28.42 8.40
CA ALA A 334 -15.57 29.31 8.57
C ALA A 334 -16.00 29.88 7.22
N ALA A 335 -15.01 30.28 6.40
CA ALA A 335 -15.29 30.87 5.10
C ALA A 335 -15.92 29.85 4.15
N HIS A 336 -15.39 28.62 4.19
CA HIS A 336 -15.93 27.53 3.38
C HIS A 336 -17.40 27.29 3.73
N LEU A 337 -17.73 27.23 5.03
CA LEU A 337 -19.07 26.87 5.48
C LEU A 337 -20.16 27.94 5.29
N GLU A 338 -19.76 29.18 4.97
CA GLU A 338 -20.75 30.19 4.58
C GLU A 338 -21.06 30.08 3.08
N HIS A 339 -20.31 29.24 2.36
CA HIS A 339 -20.60 28.87 0.98
C HIS A 339 -20.57 30.11 0.09
N ASP B 1 14.54 -29.30 -19.91
CA ASP B 1 13.81 -28.45 -18.95
C ASP B 1 14.09 -26.98 -19.22
N ILE B 2 13.28 -26.37 -20.09
CA ILE B 2 13.40 -24.96 -20.40
C ILE B 2 13.03 -24.11 -19.18
N LEU B 3 12.25 -24.69 -18.26
CA LEU B 3 11.85 -24.00 -17.03
C LEU B 3 13.00 -23.73 -16.07
N ALA B 4 14.01 -24.61 -16.01
CA ALA B 4 15.21 -24.36 -15.23
C ALA B 4 15.94 -23.14 -15.78
N ALA B 5 16.12 -23.13 -17.11
CA ALA B 5 16.75 -22.04 -17.83
C ALA B 5 15.92 -20.77 -17.74
N GLY B 6 14.61 -20.92 -17.92
CA GLY B 6 13.70 -19.80 -17.83
C GLY B 6 13.74 -19.10 -16.47
N ARG B 7 13.80 -19.90 -15.39
CA ARG B 7 13.89 -19.38 -14.04
C ARG B 7 15.16 -18.57 -13.79
N GLU B 8 16.30 -19.11 -14.26
CA GLU B 8 17.57 -18.43 -14.16
C GLU B 8 17.55 -17.10 -14.92
N GLU B 9 17.09 -17.14 -16.18
CA GLU B 9 17.02 -15.94 -17.02
C GLU B 9 16.07 -14.92 -16.42
N LEU B 10 14.92 -15.38 -15.89
CA LEU B 10 13.96 -14.47 -15.29
C LEU B 10 14.58 -13.80 -14.06
N MET B 11 15.18 -14.60 -13.17
CA MET B 11 15.76 -14.05 -11.95
C MET B 11 16.88 -13.06 -12.27
N ALA B 12 17.65 -13.32 -13.34
CA ALA B 12 18.71 -12.42 -13.77
C ALA B 12 18.16 -11.06 -14.19
N ALA B 13 17.05 -11.09 -14.95
CA ALA B 13 16.36 -9.88 -15.35
C ALA B 13 15.80 -9.10 -14.16
N LEU B 14 15.21 -9.82 -13.21
CA LEU B 14 14.63 -9.21 -12.02
C LEU B 14 15.71 -8.59 -11.13
N ALA B 15 16.81 -9.31 -10.94
CA ALA B 15 17.92 -8.82 -10.14
C ALA B 15 18.58 -7.59 -10.77
N GLU B 16 18.55 -7.53 -12.11
CA GLU B 16 19.11 -6.40 -12.84
C GLU B 16 18.12 -5.23 -12.95
N GLY B 17 16.86 -5.45 -12.58
CA GLY B 17 15.84 -4.43 -12.74
C GLY B 17 15.55 -4.11 -14.20
N ASP B 18 15.57 -5.14 -15.07
CA ASP B 18 15.43 -4.96 -16.50
C ASP B 18 14.06 -5.46 -16.97
N GLU B 19 13.11 -4.52 -17.09
CA GLU B 19 11.75 -4.88 -17.41
C GLU B 19 11.60 -5.45 -18.82
N HIS B 20 12.29 -4.84 -19.79
CA HIS B 20 12.21 -5.27 -21.18
C HIS B 20 12.65 -6.73 -21.34
N ALA B 21 13.76 -7.11 -20.69
CA ALA B 21 14.30 -8.46 -20.80
C ALA B 21 13.34 -9.50 -20.20
N ALA B 22 12.71 -9.15 -19.08
CA ALA B 22 11.82 -10.09 -18.41
C ALA B 22 10.56 -10.31 -19.23
N VAL B 23 10.01 -9.22 -19.78
CA VAL B 23 8.80 -9.29 -20.58
C VAL B 23 9.08 -10.03 -21.88
N ASP B 24 10.22 -9.71 -22.51
CA ASP B 24 10.61 -10.37 -23.75
C ASP B 24 10.81 -11.87 -23.54
N LEU B 25 11.47 -12.24 -22.44
CA LEU B 25 11.59 -13.65 -22.07
C LEU B 25 10.24 -14.33 -21.98
N ALA B 26 9.29 -13.73 -21.25
CA ALA B 26 7.97 -14.28 -21.10
C ALA B 26 7.31 -14.48 -22.48
N MET B 27 7.41 -13.48 -23.36
CA MET B 27 6.81 -13.57 -24.69
C MET B 27 7.43 -14.67 -25.53
N ARG B 28 8.76 -14.78 -25.51
CA ARG B 28 9.46 -15.83 -26.22
C ARG B 28 9.04 -17.22 -25.71
N LEU B 29 8.81 -17.36 -24.41
CA LEU B 29 8.39 -18.63 -23.85
C LEU B 29 7.00 -19.00 -24.36
N LEU B 30 6.08 -18.04 -24.35
CA LEU B 30 4.74 -18.22 -24.91
C LEU B 30 4.83 -18.61 -26.39
N ASP B 31 5.65 -17.87 -27.16
CA ASP B 31 5.86 -18.15 -28.58
C ASP B 31 6.37 -19.57 -28.84
N GLY B 32 7.15 -20.10 -27.89
CA GLY B 32 7.68 -21.45 -27.97
C GLY B 32 6.78 -22.55 -27.40
N GLY B 33 5.57 -22.20 -26.99
CA GLY B 33 4.58 -23.17 -26.56
C GLY B 33 4.50 -23.43 -25.05
N VAL B 34 5.18 -22.60 -24.24
CA VAL B 34 5.03 -22.68 -22.79
C VAL B 34 3.65 -22.14 -22.44
N PRO B 35 2.77 -22.91 -21.75
CA PRO B 35 1.47 -22.38 -21.36
C PRO B 35 1.59 -21.12 -20.51
N ALA B 36 0.66 -20.18 -20.70
CA ALA B 36 0.61 -18.97 -19.91
C ALA B 36 0.62 -19.27 -18.42
N ASP B 37 -0.18 -20.26 -18.00
CA ASP B 37 -0.29 -20.61 -16.59
C ASP B 37 1.05 -21.07 -16.03
N VAL B 38 1.85 -21.74 -16.88
CA VAL B 38 3.16 -22.21 -16.47
C VAL B 38 4.11 -21.03 -16.26
N VAL B 39 4.09 -20.06 -17.18
CA VAL B 39 4.90 -18.87 -17.00
C VAL B 39 4.53 -18.19 -15.68
N LEU B 40 3.22 -18.07 -15.39
CA LEU B 40 2.81 -17.35 -14.20
C LEU B 40 3.11 -18.11 -12.92
N LEU B 41 2.82 -19.41 -12.89
CA LEU B 41 2.91 -20.17 -11.64
C LEU B 41 4.28 -20.80 -11.41
N GLU B 42 4.90 -21.34 -12.45
CA GLU B 42 6.19 -21.99 -12.28
C GLU B 42 7.39 -21.06 -12.42
N LEU B 43 7.23 -19.93 -13.11
CA LEU B 43 8.32 -18.98 -13.30
C LEU B 43 8.14 -17.75 -12.40
N VAL B 44 7.07 -16.98 -12.63
CA VAL B 44 6.90 -15.71 -11.93
C VAL B 44 6.68 -15.92 -10.43
N ALA B 45 5.69 -16.76 -10.06
CA ALA B 45 5.42 -17.02 -8.66
C ALA B 45 6.67 -17.50 -7.95
N ASP B 46 7.37 -18.47 -8.53
N ASP B 46 7.37 -18.45 -8.55
CA ASP B 46 8.59 -19.02 -7.94
CA ASP B 46 8.57 -19.01 -7.95
C ASP B 46 9.65 -17.95 -7.71
C ASP B 46 9.64 -17.94 -7.71
N ALA B 47 9.85 -17.06 -8.69
CA ALA B 47 10.80 -15.97 -8.53
C ALA B 47 10.40 -15.07 -7.37
N GLN B 48 9.11 -14.76 -7.23
CA GLN B 48 8.67 -13.86 -6.17
C GLN B 48 8.87 -14.48 -4.79
N VAL B 49 8.69 -15.81 -4.66
CA VAL B 49 8.96 -16.45 -3.39
C VAL B 49 10.44 -16.26 -3.02
N GLU B 50 11.31 -16.47 -4.00
CA GLU B 50 12.75 -16.42 -3.79
C GLU B 50 13.20 -15.00 -3.45
N ILE B 51 12.58 -14.00 -4.08
CA ILE B 51 12.82 -12.61 -3.70
C ILE B 51 12.46 -12.37 -2.23
N GLY B 52 11.36 -12.98 -1.78
CA GLY B 52 10.97 -12.95 -0.38
C GLY B 52 12.02 -13.58 0.55
N VAL B 53 12.56 -14.74 0.14
CA VAL B 53 13.60 -15.42 0.91
C VAL B 53 14.85 -14.55 1.02
N LEU B 54 15.24 -13.90 -0.07
CA LEU B 54 16.40 -13.02 -0.08
C LEU B 54 16.16 -11.79 0.80
N TRP B 55 14.96 -11.22 0.73
CA TRP B 55 14.66 -10.07 1.56
C TRP B 55 14.66 -10.48 3.04
N GLN B 56 14.06 -11.63 3.34
CA GLN B 56 13.94 -12.08 4.72
C GLN B 56 15.34 -12.23 5.32
N ALA B 57 16.27 -12.73 4.50
CA ALA B 57 17.65 -12.97 4.91
C ALA B 57 18.52 -11.71 4.89
N ASN B 58 17.90 -10.55 4.58
CA ASN B 58 18.58 -9.28 4.46
C ASN B 58 19.66 -9.31 3.38
N ARG B 59 19.44 -10.15 2.36
CA ARG B 59 20.37 -10.22 1.24
C ARG B 59 19.95 -9.30 0.10
N TRP B 60 18.64 -9.01 0.00
CA TRP B 60 18.08 -7.99 -0.87
C TRP B 60 17.41 -6.86 -0.08
N SER B 61 17.57 -5.63 -0.58
CA SER B 61 16.89 -4.48 -0.03
C SER B 61 15.44 -4.37 -0.53
N VAL B 62 14.71 -3.45 0.08
CA VAL B 62 13.37 -3.13 -0.34
C VAL B 62 13.36 -2.55 -1.76
N ALA B 63 14.38 -1.75 -2.08
CA ALA B 63 14.50 -1.21 -3.42
C ALA B 63 14.65 -2.34 -4.45
N GLN B 64 15.51 -3.33 -4.15
CA GLN B 64 15.72 -4.45 -5.07
C GLN B 64 14.44 -5.26 -5.27
N GLU B 65 13.76 -5.61 -4.18
CA GLU B 65 12.47 -6.28 -4.26
C GLU B 65 11.44 -5.48 -5.05
N HIS B 66 11.29 -4.17 -4.74
CA HIS B 66 10.34 -3.33 -5.43
C HIS B 66 10.57 -3.33 -6.94
N ALA B 67 11.83 -3.23 -7.36
CA ALA B 67 12.15 -3.21 -8.77
C ALA B 67 11.69 -4.51 -9.45
N ALA B 68 11.99 -5.63 -8.79
CA ALA B 68 11.64 -6.94 -9.29
C ALA B 68 10.13 -7.15 -9.37
N THR B 69 9.44 -6.84 -8.29
CA THR B 69 8.00 -7.03 -8.18
C THR B 69 7.24 -6.24 -9.24
N ALA B 70 7.65 -4.99 -9.49
CA ALA B 70 7.00 -4.19 -10.52
C ALA B 70 7.18 -4.82 -11.90
N ILE B 71 8.34 -5.44 -12.13
CA ILE B 71 8.59 -6.12 -13.39
C ILE B 71 7.73 -7.39 -13.48
N SER B 72 7.63 -8.13 -12.38
CA SER B 72 6.76 -9.32 -12.37
C SER B 72 5.31 -8.93 -12.69
N GLU B 73 4.85 -7.79 -12.18
CA GLU B 73 3.53 -7.28 -12.54
C GLU B 73 3.38 -7.00 -14.03
N ARG B 74 4.42 -6.48 -14.66
CA ARG B 74 4.41 -6.21 -16.09
C ARG B 74 4.42 -7.51 -16.88
N VAL B 75 5.15 -8.53 -16.39
CA VAL B 75 5.14 -9.83 -17.02
C VAL B 75 3.73 -10.42 -16.97
N ILE B 76 3.10 -10.35 -15.80
CA ILE B 76 1.75 -10.88 -15.63
C ILE B 76 0.77 -10.18 -16.59
N ALA B 77 0.91 -8.85 -16.76
CA ALA B 77 0.03 -8.09 -17.65
C ALA B 77 0.25 -8.47 -19.10
N ALA B 78 1.52 -8.54 -19.53
CA ALA B 78 1.87 -8.94 -20.89
C ALA B 78 1.34 -10.33 -21.24
N VAL B 79 1.53 -11.28 -20.31
CA VAL B 79 1.07 -12.64 -20.51
C VAL B 79 -0.45 -12.73 -20.60
N GLY B 80 -1.16 -11.95 -19.77
CA GLY B 80 -2.62 -11.87 -19.82
C GLY B 80 -3.18 -11.08 -21.00
N ASP B 81 -2.42 -10.13 -21.53
CA ASP B 81 -2.78 -9.46 -22.78
C ASP B 81 -2.65 -10.43 -23.97
N ARG B 82 -2.50 -11.74 -23.68
CA ARG B 82 -2.40 -12.79 -24.69
C ARG B 82 -3.19 -14.08 -24.39
N ALA B 83 -3.23 -14.50 -23.12
CA ALA B 83 -3.80 -15.79 -22.74
C ALA B 83 -5.28 -15.77 -22.36
N ALA B 84 -5.82 -14.58 -22.08
CA ALA B 84 -7.20 -14.43 -21.63
C ALA B 84 -8.19 -14.88 -22.71
N ALA B 85 -9.13 -15.75 -22.31
CA ALA B 85 -10.20 -16.20 -23.20
C ALA B 85 -11.40 -15.26 -23.14
N ALA B 86 -12.23 -15.28 -24.17
CA ALA B 86 -13.47 -14.52 -24.16
C ALA B 86 -14.27 -14.94 -22.93
N PRO B 87 -14.87 -13.99 -22.17
CA PRO B 87 -15.65 -14.35 -20.99
C PRO B 87 -16.92 -15.10 -21.37
N THR B 88 -17.00 -16.38 -20.97
CA THR B 88 -18.19 -17.19 -21.24
C THR B 88 -18.73 -17.92 -20.01
N ARG B 89 -18.03 -17.87 -18.87
CA ARG B 89 -18.37 -18.73 -17.76
C ARG B 89 -19.20 -18.08 -16.65
N GLY B 90 -19.08 -16.75 -16.52
CA GLY B 90 -19.63 -16.03 -15.38
C GLY B 90 -18.66 -14.96 -14.90
N HIS B 91 -18.93 -14.40 -13.71
CA HIS B 91 -18.28 -13.19 -13.22
C HIS B 91 -17.70 -13.46 -11.83
N VAL B 92 -16.40 -13.23 -11.68
CA VAL B 92 -15.74 -13.31 -10.39
C VAL B 92 -15.13 -11.95 -10.05
N VAL B 93 -15.34 -11.49 -8.81
CA VAL B 93 -14.65 -10.34 -8.28
C VAL B 93 -13.47 -10.82 -7.43
N VAL B 94 -12.27 -10.29 -7.72
CA VAL B 94 -11.07 -10.66 -7.01
C VAL B 94 -10.62 -9.47 -6.17
N ALA B 95 -10.43 -9.69 -4.86
CA ALA B 95 -10.07 -8.63 -3.93
C ALA B 95 -9.14 -9.13 -2.82
N CYS B 96 -8.18 -8.28 -2.45
CA CYS B 96 -7.45 -8.45 -1.21
C CYS B 96 -8.26 -7.92 -0.05
N LEU B 97 -8.10 -8.56 1.12
CA LEU B 97 -8.63 -8.04 2.36
C LEU B 97 -8.17 -6.61 2.67
N ASP B 98 -9.00 -5.89 3.42
CA ASP B 98 -8.60 -4.62 3.97
C ASP B 98 -7.27 -4.80 4.72
N GLY B 99 -6.30 -3.94 4.43
CA GLY B 99 -4.98 -3.99 5.05
C GLY B 99 -3.98 -4.98 4.45
N GLU B 100 -4.37 -5.63 3.35
CA GLU B 100 -3.58 -6.62 2.63
C GLU B 100 -3.12 -6.00 1.32
N TRP B 101 -1.80 -5.77 1.19
CA TRP B 101 -1.27 -5.09 0.01
C TRP B 101 -0.45 -6.01 -0.91
N HIS B 102 -0.47 -7.32 -0.63
CA HIS B 102 0.10 -8.28 -1.55
C HIS B 102 -0.96 -8.54 -2.64
N ALA B 103 -0.98 -7.67 -3.66
CA ALA B 103 -1.90 -7.78 -4.77
C ALA B 103 -1.46 -8.82 -5.82
N LEU B 104 -0.15 -9.08 -5.92
CA LEU B 104 0.34 -9.91 -7.01
C LEU B 104 -0.21 -11.34 -6.97
N PRO B 105 -0.29 -12.02 -5.81
CA PRO B 105 -0.89 -13.34 -5.76
C PRO B 105 -2.32 -13.31 -6.31
N ALA B 106 -3.06 -12.26 -5.97
CA ALA B 106 -4.44 -12.12 -6.42
C ALA B 106 -4.51 -11.84 -7.92
N ARG B 107 -3.53 -11.10 -8.45
CA ARG B 107 -3.47 -10.84 -9.89
C ARG B 107 -3.24 -12.13 -10.66
N ILE B 108 -2.39 -13.04 -10.13
CA ILE B 108 -2.21 -14.33 -10.76
C ILE B 108 -3.51 -15.13 -10.81
N VAL B 109 -4.25 -15.16 -9.69
CA VAL B 109 -5.56 -15.79 -9.66
C VAL B 109 -6.47 -15.21 -10.73
N ALA B 110 -6.55 -13.87 -10.78
CA ALA B 110 -7.36 -13.19 -11.80
C ALA B 110 -7.01 -13.62 -13.22
N GLU B 111 -5.71 -13.66 -13.54
CA GLU B 111 -5.29 -13.97 -14.89
C GLU B 111 -5.59 -15.42 -15.28
N VAL B 112 -5.35 -16.32 -14.33
CA VAL B 112 -5.64 -17.74 -14.56
C VAL B 112 -7.14 -17.97 -14.78
N LEU B 113 -7.98 -17.32 -13.97
CA LEU B 113 -9.43 -17.39 -14.16
C LEU B 113 -9.85 -16.85 -15.52
N ARG B 114 -9.31 -15.70 -15.94
CA ARG B 114 -9.60 -15.18 -17.27
C ARG B 114 -9.21 -16.16 -18.39
N GLY B 115 -8.09 -16.87 -18.20
CA GLY B 115 -7.66 -17.89 -19.15
C GLY B 115 -8.65 -19.03 -19.32
N ARG B 116 -9.47 -19.27 -18.29
N ARG B 116 -9.47 -19.28 -18.29
CA ARG B 116 -10.50 -20.31 -18.33
CA ARG B 116 -10.50 -20.30 -18.33
C ARG B 116 -11.87 -19.76 -18.73
C ARG B 116 -11.87 -19.77 -18.76
N GLY B 117 -11.93 -18.49 -19.15
CA GLY B 117 -13.17 -17.90 -19.66
C GLY B 117 -14.04 -17.15 -18.64
N TRP B 118 -13.53 -16.94 -17.43
CA TRP B 118 -14.21 -16.11 -16.45
C TRP B 118 -14.04 -14.62 -16.75
N ARG B 119 -15.12 -13.87 -16.60
CA ARG B 119 -15.01 -12.41 -16.56
C ARG B 119 -14.59 -12.08 -15.14
N VAL B 120 -13.45 -11.39 -15.00
CA VAL B 120 -12.92 -11.08 -13.69
C VAL B 120 -12.80 -9.57 -13.54
N THR B 121 -13.36 -9.05 -12.43
CA THR B 121 -13.10 -7.67 -12.04
C THR B 121 -12.06 -7.70 -10.92
N PHE B 122 -10.88 -7.14 -11.19
CA PHE B 122 -9.80 -7.17 -10.21
C PHE B 122 -9.78 -5.89 -9.39
N LEU B 123 -9.94 -6.03 -8.08
CA LEU B 123 -9.94 -4.89 -7.17
C LEU B 123 -8.59 -4.74 -6.48
N GLY B 124 -7.82 -5.83 -6.39
CA GLY B 124 -6.47 -5.76 -5.85
C GLY B 124 -6.41 -5.42 -4.37
N ALA B 125 -5.36 -4.66 -4.00
CA ALA B 125 -4.97 -4.41 -2.63
C ALA B 125 -6.06 -3.73 -1.79
N SER B 126 -6.17 -4.18 -0.54
CA SER B 126 -6.83 -3.47 0.54
C SER B 126 -8.20 -2.87 0.26
N VAL B 127 -9.22 -3.74 0.17
CA VAL B 127 -10.59 -3.28 -0.06
C VAL B 127 -11.36 -3.39 1.25
N PRO B 128 -11.79 -2.27 1.89
CA PRO B 128 -12.60 -2.37 3.11
C PRO B 128 -13.90 -3.12 2.88
N ALA B 129 -14.29 -3.96 3.85
CA ALA B 129 -15.54 -4.69 3.77
C ALA B 129 -16.72 -3.75 3.57
N ALA B 130 -16.70 -2.57 4.23
CA ALA B 130 -17.80 -1.64 4.08
C ALA B 130 -18.00 -1.13 2.66
N HIS B 131 -16.96 -1.23 1.83
CA HIS B 131 -17.01 -0.86 0.42
C HIS B 131 -17.20 -2.09 -0.47
N LEU B 132 -16.58 -3.22 -0.10
CA LEU B 132 -16.72 -4.45 -0.87
C LEU B 132 -18.15 -5.00 -0.86
N VAL B 133 -18.80 -4.98 0.32
CA VAL B 133 -20.14 -5.51 0.46
C VAL B 133 -21.13 -4.83 -0.47
N PRO B 134 -21.27 -3.48 -0.49
CA PRO B 134 -22.17 -2.85 -1.45
C PRO B 134 -21.81 -3.12 -2.92
N TYR B 135 -20.51 -3.30 -3.20
CA TYR B 135 -20.07 -3.66 -4.56
C TYR B 135 -20.64 -5.03 -4.95
N LEU B 136 -20.61 -5.98 -4.02
CA LEU B 136 -21.15 -7.31 -4.28
C LEU B 136 -22.68 -7.30 -4.38
N GLU B 137 -23.33 -6.45 -3.58
CA GLU B 137 -24.77 -6.28 -3.65
C GLU B 137 -25.16 -5.67 -4.99
N GLU B 138 -24.35 -4.72 -5.48
CA GLU B 138 -24.59 -4.07 -6.75
C GLU B 138 -24.47 -5.01 -7.96
N HIS B 139 -23.47 -5.90 -7.94
CA HIS B 139 -23.07 -6.63 -9.15
C HIS B 139 -23.39 -8.12 -9.09
N GLY B 140 -23.69 -8.66 -7.91
CA GLY B 140 -24.06 -10.05 -7.76
C GLY B 140 -23.18 -11.02 -8.55
N PRO B 141 -21.84 -10.99 -8.37
CA PRO B 141 -20.95 -11.89 -9.11
C PRO B 141 -21.21 -13.32 -8.68
N ASP B 142 -20.84 -14.27 -9.55
CA ASP B 142 -20.95 -15.69 -9.23
C ASP B 142 -20.10 -16.14 -8.04
N ALA B 143 -18.99 -15.43 -7.82
CA ALA B 143 -18.16 -15.59 -6.64
C ALA B 143 -17.33 -14.34 -6.40
N VAL B 144 -16.92 -14.16 -5.13
CA VAL B 144 -15.86 -13.25 -4.76
C VAL B 144 -14.68 -14.12 -4.32
N ALA B 145 -13.50 -13.74 -4.79
CA ALA B 145 -12.27 -14.43 -4.46
C ALA B 145 -11.43 -13.52 -3.57
N LEU B 146 -11.24 -13.92 -2.31
CA LEU B 146 -10.60 -13.08 -1.32
C LEU B 146 -9.18 -13.58 -1.10
N SER B 147 -8.20 -12.68 -1.24
CA SER B 147 -6.79 -13.01 -1.02
C SER B 147 -6.25 -12.43 0.30
N CYS B 148 -5.52 -13.25 1.05
CA CYS B 148 -4.91 -12.85 2.31
C CYS B 148 -3.54 -13.52 2.31
N THR B 149 -2.47 -12.72 2.48
CA THR B 149 -1.12 -13.23 2.47
C THR B 149 -0.50 -13.24 3.87
N LEU B 150 -0.90 -12.28 4.72
CA LEU B 150 -0.40 -12.16 6.08
C LEU B 150 -1.35 -12.83 7.07
N PRO B 151 -0.91 -13.90 7.77
CA PRO B 151 -1.71 -14.51 8.84
C PRO B 151 -2.18 -13.53 9.91
N ARG B 152 -1.48 -12.41 10.12
CA ARG B 152 -1.94 -11.42 11.08
C ARG B 152 -3.31 -10.84 10.71
N GLY B 153 -3.67 -10.95 9.43
CA GLY B 153 -4.96 -10.50 8.92
C GLY B 153 -6.12 -11.48 9.11
N LEU B 154 -5.86 -12.64 9.75
CA LEU B 154 -6.88 -13.66 9.84
C LEU B 154 -8.16 -13.22 10.54
N PRO B 155 -8.11 -12.51 11.70
CA PRO B 155 -9.33 -12.04 12.34
C PRO B 155 -10.19 -11.18 11.40
N ARG B 156 -9.53 -10.26 10.69
CA ARG B 156 -10.21 -9.47 9.68
C ARG B 156 -10.81 -10.34 8.57
N ALA B 157 -10.04 -11.29 8.05
CA ALA B 157 -10.52 -12.22 7.04
C ALA B 157 -11.82 -12.91 7.45
N ASP B 158 -11.87 -13.37 8.71
CA ASP B 158 -13.05 -14.07 9.21
C ASP B 158 -14.27 -13.16 9.10
N GLN B 159 -14.10 -11.89 9.48
CA GLN B 159 -15.21 -10.94 9.50
C GLN B 159 -15.65 -10.60 8.08
N VAL B 160 -14.67 -10.38 7.19
CA VAL B 160 -14.97 -9.97 5.82
C VAL B 160 -15.64 -11.11 5.06
N VAL B 161 -15.17 -12.35 5.25
CA VAL B 161 -15.82 -13.48 4.63
C VAL B 161 -17.29 -13.59 5.04
N ALA B 162 -17.57 -13.48 6.37
CA ALA B 162 -18.93 -13.50 6.88
C ALA B 162 -19.77 -12.40 6.23
N ALA B 163 -19.22 -11.17 6.17
CA ALA B 163 -19.94 -10.06 5.57
C ALA B 163 -20.28 -10.32 4.09
N CYS B 164 -19.32 -10.87 3.35
CA CYS B 164 -19.54 -11.21 1.95
C CYS B 164 -20.59 -12.30 1.78
N ARG B 165 -20.49 -13.35 2.59
CA ARG B 165 -21.50 -14.41 2.57
C ARG B 165 -22.91 -13.89 2.83
N ALA B 166 -23.03 -12.89 3.71
CA ALA B 166 -24.34 -12.32 4.04
C ALA B 166 -25.00 -11.63 2.85
N THR B 167 -24.23 -11.27 1.82
CA THR B 167 -24.79 -10.75 0.58
C THR B 167 -25.31 -11.85 -0.35
N GLY B 168 -25.11 -13.11 0.04
CA GLY B 168 -25.46 -14.25 -0.79
C GLY B 168 -24.38 -14.64 -1.82
N THR B 169 -23.23 -13.96 -1.77
CA THR B 169 -22.17 -14.19 -2.74
C THR B 169 -21.30 -15.35 -2.26
N PRO B 170 -21.10 -16.43 -3.04
CA PRO B 170 -20.16 -17.49 -2.64
C PRO B 170 -18.74 -16.93 -2.53
N VAL B 171 -18.01 -17.40 -1.50
CA VAL B 171 -16.68 -16.91 -1.23
C VAL B 171 -15.62 -18.00 -1.43
N LEU B 172 -14.63 -17.70 -2.28
CA LEU B 172 -13.39 -18.46 -2.38
C LEU B 172 -12.33 -17.70 -1.63
N VAL B 173 -11.42 -18.42 -0.96
CA VAL B 173 -10.34 -17.77 -0.23
C VAL B 173 -9.01 -18.45 -0.55
N GLY B 174 -7.96 -17.67 -0.41
CA GLY B 174 -6.63 -18.21 -0.54
C GLY B 174 -5.54 -17.20 -0.23
N GLY B 175 -4.31 -17.67 -0.36
CA GLY B 175 -3.13 -16.91 -0.01
C GLY B 175 -2.46 -17.49 1.24
N LEU B 176 -1.21 -17.07 1.47
CA LEU B 176 -0.44 -17.58 2.60
C LEU B 176 -1.07 -17.28 3.96
N GLY B 177 -1.94 -16.26 4.02
CA GLY B 177 -2.52 -15.84 5.27
C GLY B 177 -3.45 -16.90 5.87
N PHE B 178 -3.97 -17.81 5.03
CA PHE B 178 -4.82 -18.89 5.50
C PHE B 178 -4.03 -20.13 5.89
N GLY B 179 -2.70 -20.04 5.81
CA GLY B 179 -1.81 -21.01 6.40
C GLY B 179 -1.56 -22.25 5.57
N PRO B 180 -0.73 -23.18 6.11
CA PRO B 180 -0.39 -24.40 5.38
C PRO B 180 -1.64 -25.19 5.05
N ASP B 181 -1.78 -25.49 3.75
CA ASP B 181 -2.90 -26.28 3.28
C ASP B 181 -4.25 -25.68 3.68
N GLY B 182 -4.29 -24.35 3.82
CA GLY B 182 -5.53 -23.67 4.11
C GLY B 182 -6.07 -23.92 5.51
N ARG B 183 -5.22 -24.36 6.44
CA ARG B 183 -5.68 -24.80 7.75
C ARG B 183 -6.52 -23.75 8.47
N TRP B 184 -6.08 -22.49 8.42
CA TRP B 184 -6.77 -21.44 9.18
C TRP B 184 -8.10 -21.00 8.54
N ALA B 185 -8.21 -21.07 7.20
CA ALA B 185 -9.51 -20.97 6.56
C ALA B 185 -10.45 -22.09 7.00
N ARG B 186 -9.91 -23.32 7.02
CA ARG B 186 -10.72 -24.48 7.29
C ARG B 186 -11.19 -24.55 8.74
N VAL B 187 -10.31 -24.23 9.70
CA VAL B 187 -10.74 -24.27 11.08
C VAL B 187 -11.83 -23.22 11.35
N LEU B 188 -11.75 -22.06 10.67
CA LEU B 188 -12.75 -21.03 10.86
C LEU B 188 -14.03 -21.25 10.05
N GLY B 189 -13.98 -22.12 9.04
CA GLY B 189 -15.09 -22.28 8.12
C GLY B 189 -15.27 -21.02 7.27
N ALA B 190 -14.16 -20.35 6.96
CA ALA B 190 -14.19 -19.06 6.30
C ALA B 190 -14.04 -19.26 4.80
N GLY B 191 -15.17 -19.46 4.11
CA GLY B 191 -15.20 -19.61 2.67
C GLY B 191 -14.67 -20.98 2.24
N THR B 192 -14.43 -21.11 0.94
CA THR B 192 -13.87 -22.32 0.36
C THR B 192 -12.46 -22.00 -0.09
N TRP B 193 -11.48 -22.71 0.48
CA TRP B 193 -10.08 -22.45 0.20
C TRP B 193 -9.59 -23.28 -0.99
N ALA B 194 -8.58 -22.74 -1.70
CA ALA B 194 -7.84 -23.51 -2.69
C ALA B 194 -6.39 -23.02 -2.71
N PRO B 195 -5.43 -23.91 -3.03
CA PRO B 195 -4.00 -23.60 -2.92
C PRO B 195 -3.38 -22.71 -3.98
N THR B 196 -3.96 -22.72 -5.18
CA THR B 196 -3.36 -22.07 -6.34
C THR B 196 -4.45 -21.55 -7.27
N ALA B 197 -4.03 -20.74 -8.24
CA ALA B 197 -4.95 -20.25 -9.25
C ALA B 197 -5.53 -21.41 -10.06
N ARG B 198 -4.67 -22.40 -10.40
CA ARG B 198 -5.11 -23.59 -11.10
C ARG B 198 -6.23 -24.29 -10.33
N ALA B 199 -6.03 -24.50 -9.02
CA ALA B 199 -7.02 -25.18 -8.20
C ALA B 199 -8.30 -24.36 -8.02
N ALA B 200 -8.17 -23.02 -7.94
CA ALA B 200 -9.33 -22.14 -7.91
C ALA B 200 -10.20 -22.34 -9.15
N ALA B 201 -9.55 -22.30 -10.32
CA ALA B 201 -10.26 -22.57 -11.57
C ALA B 201 -10.96 -23.94 -11.55
N ASP B 202 -10.27 -24.98 -11.04
CA ASP B 202 -10.86 -26.30 -10.95
C ASP B 202 -12.10 -26.34 -10.07
N LEU B 203 -12.08 -25.63 -8.93
CA LEU B 203 -13.24 -25.52 -8.06
C LEU B 203 -14.43 -24.89 -8.76
N LEU B 204 -14.17 -23.81 -9.51
CA LEU B 204 -15.20 -23.09 -10.22
C LEU B 204 -15.82 -23.92 -11.35
N ASP B 205 -15.08 -24.92 -11.83
CA ASP B 205 -15.61 -25.88 -12.80
C ASP B 205 -16.52 -26.99 -12.26
N ARG B 206 -16.61 -27.13 -10.93
CA ARG B 206 -17.52 -28.10 -10.32
C ARG B 206 -18.97 -27.69 -10.57
N PRO B 207 -19.97 -28.55 -10.26
CA PRO B 207 -21.37 -28.12 -10.14
C PRO B 207 -21.70 -27.61 -8.73
N GLU B 208 -20.83 -26.75 -8.20
CA GLU B 208 -20.83 -26.35 -6.80
C GLU B 208 -21.50 -27.39 -5.89
N ARG B 219 -21.46 -16.51 16.60
CA ARG B 219 -20.80 -17.20 17.70
C ARG B 219 -20.22 -16.20 18.69
N PRO B 220 -19.93 -16.59 19.96
CA PRO B 220 -19.56 -15.63 20.99
C PRO B 220 -18.23 -14.96 20.67
N ALA B 221 -18.15 -13.65 20.98
CA ALA B 221 -16.91 -12.91 20.87
C ALA B 221 -15.85 -13.54 21.77
N ASP B 222 -14.61 -13.46 21.30
CA ASP B 222 -13.49 -14.09 21.98
C ASP B 222 -12.87 -13.08 22.96
N PRO B 223 -12.93 -13.32 24.28
CA PRO B 223 -12.47 -12.31 25.25
C PRO B 223 -10.94 -12.18 25.32
N GLU B 224 -10.23 -13.29 25.09
CA GLU B 224 -8.77 -13.27 25.11
C GLU B 224 -8.21 -12.53 23.91
N TYR B 225 -8.83 -12.73 22.75
CA TYR B 225 -8.52 -11.96 21.56
C TYR B 225 -8.82 -10.49 21.79
N ALA B 226 -10.02 -10.20 22.31
CA ALA B 226 -10.43 -8.83 22.61
C ALA B 226 -9.39 -8.13 23.48
N ALA B 227 -8.85 -8.85 24.46
CA ALA B 227 -7.88 -8.29 25.39
C ALA B 227 -6.53 -7.97 24.73
N LEU B 228 -6.10 -8.81 23.78
CA LEU B 228 -4.88 -8.54 23.02
C LEU B 228 -5.00 -7.31 22.13
N ARG B 229 -6.23 -6.99 21.69
CA ARG B 229 -6.45 -5.77 20.95
C ARG B 229 -6.54 -4.56 21.87
N ALA B 230 -7.30 -4.69 22.96
CA ALA B 230 -7.57 -3.58 23.85
C ALA B 230 -6.31 -3.18 24.63
N ARG B 231 -5.46 -4.16 24.95
CA ARG B 231 -4.30 -3.91 25.78
C ARG B 231 -2.99 -3.83 25.01
N ARG B 232 -3.07 -3.65 23.68
CA ARG B 232 -1.91 -3.71 22.80
C ARG B 232 -0.79 -2.76 23.25
N ALA B 233 -1.15 -1.50 23.54
CA ALA B 233 -0.19 -0.49 23.95
C ALA B 233 0.52 -0.87 25.25
N GLU B 234 -0.27 -1.30 26.24
CA GLU B 234 0.25 -1.81 27.51
C GLU B 234 1.28 -2.92 27.31
N LEU B 235 0.98 -3.84 26.39
CA LEU B 235 1.80 -5.02 26.19
C LEU B 235 3.10 -4.65 25.47
N VAL B 236 3.01 -3.78 24.47
CA VAL B 236 4.17 -3.20 23.82
C VAL B 236 5.08 -2.53 24.85
N ASP B 237 4.48 -1.72 25.73
CA ASP B 237 5.20 -1.03 26.78
C ASP B 237 5.90 -2.00 27.74
N ALA B 238 5.21 -3.11 28.07
CA ALA B 238 5.77 -4.13 28.95
C ALA B 238 6.97 -4.81 28.32
N GLY B 239 6.88 -5.11 27.03
CA GLY B 239 7.99 -5.65 26.26
C GLY B 239 9.18 -4.69 26.23
N LEU B 240 8.89 -3.41 25.98
CA LEU B 240 9.92 -2.39 25.96
C LEU B 240 10.62 -2.24 27.31
N ALA B 241 9.85 -2.23 28.40
CA ALA B 241 10.42 -2.11 29.73
C ALA B 241 11.34 -3.29 30.03
N ALA B 242 10.96 -4.49 29.59
CA ALA B 242 11.79 -5.66 29.78
C ALA B 242 13.09 -5.54 28.97
N LEU B 243 12.98 -5.04 27.74
CA LEU B 243 14.15 -4.83 26.90
C LEU B 243 15.09 -3.81 27.55
N HIS B 244 14.50 -2.75 28.12
CA HIS B 244 15.26 -1.76 28.87
C HIS B 244 16.06 -2.42 30.00
N GLU B 245 15.45 -3.37 30.72
CA GLU B 245 16.11 -4.05 31.81
C GLU B 245 17.18 -5.05 31.39
N TRP B 246 16.97 -5.74 30.26
CA TRP B 246 17.75 -6.92 29.91
C TRP B 246 18.59 -6.88 28.64
N PHE B 247 18.28 -5.96 27.72
CA PHE B 247 18.82 -6.02 26.37
C PHE B 247 19.68 -4.78 26.11
N PRO B 248 21.01 -4.84 26.35
CA PRO B 248 21.84 -3.63 26.34
C PRO B 248 21.75 -2.72 25.11
N PRO B 249 21.70 -3.24 23.86
CA PRO B 249 21.68 -2.35 22.68
C PRO B 249 20.60 -1.27 22.69
N LEU B 250 19.43 -1.59 23.26
CA LEU B 250 18.31 -0.65 23.33
C LEU B 250 18.71 0.68 23.94
N ARG B 251 19.65 0.66 24.90
CA ARG B 251 20.09 1.86 25.58
C ARG B 251 20.72 2.87 24.62
N ASP B 252 21.30 2.37 23.52
CA ASP B 252 22.00 3.21 22.57
C ASP B 252 21.22 3.43 21.27
N TYR B 253 19.97 2.93 21.21
CA TYR B 253 19.16 3.15 20.02
C TYR B 253 18.75 4.60 19.85
N ASP B 254 18.86 5.09 18.61
CA ASP B 254 18.31 6.39 18.23
C ASP B 254 16.80 6.25 17.99
N ALA B 255 16.15 7.35 17.59
CA ALA B 255 14.71 7.37 17.34
C ALA B 255 14.26 6.29 16.36
N ARG B 256 15.02 6.12 15.29
CA ARG B 256 14.72 5.17 14.24
C ARG B 256 14.72 3.71 14.69
N ARG B 257 15.74 3.33 15.46
CA ARG B 257 15.83 1.98 16.01
C ARG B 257 14.80 1.73 17.10
N LEU B 258 14.50 2.77 17.90
CA LEU B 258 13.47 2.71 18.92
C LEU B 258 12.10 2.52 18.28
N ASP B 259 11.84 3.25 17.19
CA ASP B 259 10.59 3.08 16.48
C ASP B 259 10.43 1.71 15.84
N ALA B 260 11.52 1.17 15.26
CA ALA B 260 11.50 -0.17 14.72
C ALA B 260 11.21 -1.21 15.81
N THR B 261 11.87 -1.06 16.97
CA THR B 261 11.57 -1.92 18.10
C THR B 261 10.08 -1.89 18.46
N LEU B 262 9.52 -0.68 18.59
CA LEU B 262 8.12 -0.51 18.93
C LEU B 262 7.17 -1.11 17.89
N ASP B 263 7.47 -0.87 16.60
CA ASP B 263 6.74 -1.50 15.50
C ASP B 263 6.76 -3.02 15.60
N ASP B 264 7.95 -3.59 15.83
CA ASP B 264 8.10 -5.02 15.90
C ASP B 264 7.37 -5.61 17.11
N LEU B 265 7.43 -4.91 18.26
CA LEU B 265 6.71 -5.34 19.45
C LEU B 265 5.21 -5.36 19.18
N GLY B 266 4.70 -4.32 18.53
CA GLY B 266 3.30 -4.33 18.12
C GLY B 266 2.94 -5.50 17.23
N ASP B 267 3.83 -5.83 16.28
CA ASP B 267 3.61 -6.97 15.40
C ASP B 267 3.60 -8.28 16.18
N ILE B 268 4.46 -8.38 17.20
CA ILE B 268 4.47 -9.57 18.04
C ILE B 268 3.09 -9.73 18.70
N VAL B 269 2.55 -8.64 19.25
CA VAL B 269 1.24 -8.69 19.89
C VAL B 269 0.15 -9.07 18.88
N ASP B 270 0.23 -8.47 17.69
CA ASP B 270 -0.80 -8.70 16.67
C ASP B 270 -0.79 -10.12 16.13
N HIS B 271 0.40 -10.74 16.00
CA HIS B 271 0.49 -12.13 15.57
C HIS B 271 0.03 -13.08 16.68
N LEU B 272 0.30 -12.72 17.94
CA LEU B 272 -0.22 -13.46 19.09
C LEU B 272 -1.75 -13.41 19.07
N ALA B 273 -2.32 -12.22 18.77
CA ALA B 273 -3.77 -12.08 18.64
C ALA B 273 -4.34 -12.99 17.55
N ALA B 274 -3.70 -13.00 16.37
CA ALA B 274 -4.16 -13.86 15.29
C ALA B 274 -4.09 -15.35 15.67
N SER B 275 -2.98 -15.75 16.28
N SER B 275 -2.98 -15.73 16.29
CA SER B 275 -2.79 -17.12 16.74
CA SER B 275 -2.76 -17.09 16.75
C SER B 275 -3.89 -17.58 17.70
C SER B 275 -3.84 -17.57 17.72
N VAL B 276 -4.16 -16.73 18.70
CA VAL B 276 -5.20 -17.02 19.67
C VAL B 276 -6.57 -17.06 19.01
N TYR B 277 -6.81 -16.13 18.06
CA TYR B 277 -8.08 -16.05 17.37
C TYR B 277 -8.46 -17.37 16.68
N VAL B 278 -7.49 -17.98 15.98
CA VAL B 278 -7.74 -19.21 15.25
C VAL B 278 -7.37 -20.44 16.09
N ASP B 279 -6.90 -20.19 17.32
CA ASP B 279 -6.57 -21.21 18.30
C ASP B 279 -5.61 -22.25 17.70
N ASP B 280 -4.57 -21.75 17.03
CA ASP B 280 -3.53 -22.62 16.51
C ASP B 280 -2.16 -22.08 16.93
N PRO B 281 -1.58 -22.59 18.04
CA PRO B 281 -0.27 -22.10 18.52
C PRO B 281 0.85 -22.12 17.48
N GLU B 282 0.72 -22.96 16.45
CA GLU B 282 1.72 -23.02 15.39
C GLU B 282 1.79 -21.73 14.59
N LEU B 283 0.71 -20.94 14.54
CA LEU B 283 0.78 -19.64 13.90
C LEU B 283 1.82 -18.78 14.63
N PHE B 284 1.65 -18.65 15.96
CA PHE B 284 2.57 -17.84 16.74
C PHE B 284 3.98 -18.43 16.73
N GLY B 285 4.06 -19.77 16.88
CA GLY B 285 5.32 -20.49 16.83
C GLY B 285 6.15 -20.18 15.58
N GLU B 286 5.53 -20.37 14.41
CA GLU B 286 6.18 -20.08 13.14
C GLU B 286 6.54 -18.59 12.99
N PHE B 287 5.65 -17.71 13.46
CA PHE B 287 5.93 -16.28 13.45
C PHE B 287 7.19 -15.95 14.25
N VAL B 288 7.31 -16.53 15.44
CA VAL B 288 8.42 -16.21 16.33
C VAL B 288 9.75 -16.67 15.72
N THR B 289 9.77 -17.87 15.13
CA THR B 289 11.00 -18.38 14.54
C THR B 289 11.36 -17.57 13.29
N TRP B 290 10.36 -17.19 12.51
CA TRP B 290 10.54 -16.28 11.38
C TRP B 290 11.11 -14.93 11.82
N THR B 291 10.54 -14.37 12.88
CA THR B 291 11.04 -13.12 13.44
C THR B 291 12.50 -13.21 13.88
N ALA B 292 12.86 -14.32 14.52
CA ALA B 292 14.24 -14.54 14.92
C ALA B 292 15.19 -14.46 13.72
N GLU B 293 14.80 -15.08 12.60
CA GLU B 293 15.64 -15.09 11.41
C GLU B 293 15.77 -13.68 10.81
N VAL B 294 14.64 -12.96 10.73
CA VAL B 294 14.60 -11.59 10.25
C VAL B 294 15.53 -10.69 11.06
N LEU B 295 15.40 -10.76 12.40
CA LEU B 295 16.18 -9.92 13.29
C LEU B 295 17.65 -10.29 13.26
N ALA B 296 17.96 -11.59 13.33
CA ALA B 296 19.35 -12.05 13.36
C ALA B 296 20.09 -11.56 12.12
N ALA B 297 19.40 -11.60 10.96
CA ALA B 297 19.97 -11.24 9.67
C ALA B 297 20.27 -9.75 9.62
N ARG B 298 19.61 -8.97 10.49
CA ARG B 298 19.80 -7.54 10.59
C ARG B 298 20.63 -7.12 11.81
N GLY B 299 21.31 -8.08 12.43
CA GLY B 299 22.22 -7.84 13.55
C GLY B 299 21.54 -7.59 14.90
N VAL B 300 20.25 -7.94 15.01
CA VAL B 300 19.52 -7.82 16.26
C VAL B 300 19.40 -9.21 16.89
N SER B 301 19.93 -9.37 18.12
CA SER B 301 19.92 -10.67 18.77
C SER B 301 18.49 -11.18 18.93
N PRO B 302 18.16 -12.39 18.43
CA PRO B 302 16.82 -12.96 18.65
C PRO B 302 16.48 -13.20 20.11
N ALA B 303 17.50 -13.25 20.98
CA ALA B 303 17.26 -13.37 22.42
C ALA B 303 16.40 -12.22 22.94
N SER B 304 16.48 -11.06 22.27
CA SER B 304 15.60 -9.94 22.56
C SER B 304 14.12 -10.30 22.50
N VAL B 305 13.75 -11.19 21.56
CA VAL B 305 12.38 -11.64 21.41
C VAL B 305 11.93 -12.41 22.65
N GLU B 306 12.80 -13.29 23.16
CA GLU B 306 12.52 -14.04 24.37
C GLU B 306 12.25 -13.11 25.55
N VAL B 307 13.04 -12.03 25.65
CA VAL B 307 12.87 -11.04 26.71
C VAL B 307 11.45 -10.47 26.67
N ALA B 308 11.02 -10.06 25.46
CA ALA B 308 9.69 -9.50 25.25
C ALA B 308 8.57 -10.50 25.51
N LEU B 309 8.73 -11.73 24.99
CA LEU B 309 7.74 -12.78 25.22
C LEU B 309 7.56 -13.11 26.71
N GLU B 310 8.66 -13.16 27.47
CA GLU B 310 8.57 -13.49 28.87
C GLU B 310 7.80 -12.39 29.61
N ALA B 311 8.04 -11.13 29.22
CA ALA B 311 7.37 -9.98 29.81
C ALA B 311 5.86 -9.99 29.54
N ILE B 312 5.48 -10.32 28.29
CA ILE B 312 4.09 -10.39 27.91
C ILE B 312 3.39 -11.55 28.61
N ALA B 313 4.12 -12.67 28.80
CA ALA B 313 3.55 -13.84 29.45
C ALA B 313 3.22 -13.54 30.91
N ARG B 314 4.07 -12.74 31.57
CA ARG B 314 3.85 -12.33 32.94
C ARG B 314 2.56 -11.53 33.06
N VAL B 315 2.39 -10.53 32.19
CA VAL B 315 1.21 -9.67 32.23
C VAL B 315 -0.07 -10.47 31.99
N LEU B 316 -0.03 -11.45 31.08
CA LEU B 316 -1.22 -12.16 30.64
C LEU B 316 -1.33 -13.59 31.16
N ASP B 317 -0.68 -13.86 32.30
CA ASP B 317 -0.56 -15.21 32.82
C ASP B 317 -1.90 -15.82 33.26
N ASP B 318 -2.91 -14.97 33.47
CA ASP B 318 -4.25 -15.46 33.80
C ASP B 318 -5.18 -15.54 32.59
N HIS B 319 -4.62 -15.43 31.37
CA HIS B 319 -5.33 -15.71 30.13
C HIS B 319 -4.84 -17.06 29.60
N PRO B 320 -5.56 -18.17 29.84
CA PRO B 320 -5.01 -19.51 29.60
C PRO B 320 -4.61 -19.80 28.16
N ARG B 321 -5.46 -19.43 27.18
CA ARG B 321 -5.15 -19.66 25.78
C ARG B 321 -3.92 -18.86 25.36
N THR B 322 -3.92 -17.55 25.68
CA THR B 322 -2.78 -16.70 25.38
C THR B 322 -1.49 -17.23 26.02
N ARG B 323 -1.58 -17.64 27.28
CA ARG B 323 -0.46 -18.22 28.02
C ARG B 323 0.14 -19.42 27.28
N HIS B 324 -0.73 -20.32 26.82
CA HIS B 324 -0.32 -21.50 26.07
C HIS B 324 0.40 -21.11 24.77
N HIS B 325 -0.16 -20.14 24.03
CA HIS B 325 0.44 -19.73 22.77
C HIS B 325 1.81 -19.11 23.02
N LEU B 326 1.94 -18.32 24.10
CA LEU B 326 3.21 -17.69 24.42
C LEU B 326 4.24 -18.75 24.79
N ASP B 327 3.83 -19.72 25.61
CA ASP B 327 4.69 -20.82 25.98
C ASP B 327 5.21 -21.54 24.73
N HIS B 328 4.28 -21.86 23.81
CA HIS B 328 4.62 -22.54 22.58
C HIS B 328 5.62 -21.69 21.76
N GLY B 329 5.39 -20.38 21.70
CA GLY B 329 6.30 -19.49 21.00
C GLY B 329 7.71 -19.48 21.59
N ARG B 330 7.79 -19.41 22.91
CA ARG B 330 9.08 -19.40 23.61
C ARG B 330 9.80 -20.72 23.40
N ARG B 331 9.07 -21.84 23.40
CA ARG B 331 9.67 -23.15 23.17
C ARG B 331 10.19 -23.27 21.74
N ALA B 332 9.42 -22.73 20.79
CA ALA B 332 9.82 -22.73 19.38
C ALA B 332 11.08 -21.90 19.17
N LEU B 333 11.14 -20.72 19.81
CA LEU B 333 12.33 -19.88 19.74
C LEU B 333 13.55 -20.55 20.35
N ALA B 334 13.38 -21.13 21.55
CA ALA B 334 14.48 -21.81 22.21
C ALA B 334 15.03 -22.92 21.31
N ALA B 335 14.13 -23.69 20.70
CA ALA B 335 14.53 -24.79 19.84
C ALA B 335 15.25 -24.30 18.58
N HIS B 336 14.73 -23.21 18.00
CA HIS B 336 15.34 -22.58 16.84
C HIS B 336 16.77 -22.17 17.16
N LEU B 337 16.97 -21.51 18.31
CA LEU B 337 18.26 -20.92 18.66
C LEU B 337 19.36 -21.90 19.08
N GLU B 338 18.99 -23.16 19.34
CA GLU B 338 20.00 -24.18 19.56
C GLU B 338 20.46 -24.78 18.24
N HIS B 339 19.78 -24.41 17.13
CA HIS B 339 20.26 -24.69 15.79
C HIS B 339 19.51 -23.82 14.77
CO B12 C . -5.65 8.33 -3.11
N21 B12 C . -5.96 10.16 -2.79
N22 B12 C . -5.35 8.05 -1.28
N23 B12 C . -5.34 6.54 -3.62
N24 B12 C . -6.22 8.83 -4.83
C1 B12 C . -5.92 11.15 -3.90
C20 B12 C . -4.49 11.55 -4.28
C2 B12 C . -6.80 12.33 -3.44
C25 B12 C . -6.28 13.67 -4.06
C26 B12 C . -8.28 12.18 -3.82
C27 B12 C . -9.22 13.30 -3.43
O28 B12 C . -9.75 14.02 -4.29
N29 B12 C . -9.45 13.43 -2.16
C3 B12 C . -6.58 12.22 -1.92
C30 B12 C . -5.46 13.08 -1.24
C31 B12 C . -6.01 14.41 -0.70
C32 B12 C . -5.09 14.96 0.40
O34 B12 C . -3.92 15.19 0.16
N33 B12 C . -5.62 15.13 1.61
C4 B12 C . -6.28 10.73 -1.69
C5 B12 C . -6.34 10.10 -0.38
C35 B12 C . -6.90 10.95 0.78
C6 B12 C . -5.87 8.84 -0.19
C7 B12 C . -5.72 8.06 1.12
C36 B12 C . -5.21 8.92 2.32
C37 B12 C . -7.11 7.43 1.42
C38 B12 C . -7.15 6.47 2.58
O39 B12 C . -6.77 5.31 2.48
N40 B12 C . -7.58 6.92 3.73
C8 B12 C . -4.74 6.96 0.74
C41 B12 C . -3.24 7.25 1.05
C42 B12 C . -2.28 6.15 0.58
C43 B12 C . -0.86 6.59 0.77
O44 B12 C . -0.26 7.11 -0.15
N45 B12 C . -0.38 6.44 1.98
C9 B12 C . -4.96 6.82 -0.72
C10 B12 C . -4.79 5.60 -1.48
C11 B12 C . -4.99 5.54 -2.81
C12 B12 C . -4.86 4.22 -3.52
C46 B12 C . -6.17 3.44 -3.28
C47 B12 C . -3.70 3.34 -3.03
C13 B12 C . -4.83 4.68 -4.96
C48 B12 C . -3.45 4.70 -5.68
C49 B12 C . -2.99 3.32 -6.15
C50 B12 C . -1.97 3.45 -7.28
O51 B12 C . -1.31 4.44 -7.45
N52 B12 C . -1.82 2.37 -8.07
C14 B12 C . -5.38 6.09 -4.87
C15 B12 C . -5.78 6.81 -6.10
C53 B12 C . -5.87 6.04 -7.40
C16 B12 C . -6.07 8.14 -6.05
C17 B12 C . -6.50 9.09 -7.15
C54 B12 C . -8.00 8.86 -7.39
C55 B12 C . -5.81 8.95 -8.51
C56 B12 C . -4.28 8.90 -8.43
C57 B12 C . -3.73 8.74 -9.82
O58 B12 C . -3.95 7.71 -10.48
N59 B12 C . -3.03 9.75 -10.32
C18 B12 C . -6.21 10.50 -6.56
C60 B12 C . -6.88 11.71 -7.22
C61 B12 C . -5.84 12.66 -7.79
O63 B12 C . -4.67 12.31 -7.97
N62 B12 C . -6.26 13.88 -8.10
C19 B12 C . -6.25 10.26 -5.08
C1P B12 C . -2.64 9.74 -11.75
C2P B12 C . -2.57 11.13 -12.33
C3P B12 C . -3.83 11.93 -12.11
O3 B12 C . -1.45 11.74 -11.68
O4 B12 C . -0.99 14.13 -10.90
O5 B12 C . -1.48 13.71 -13.41
P B12 C . -0.94 13.24 -12.12
O2 B12 C . 0.61 12.82 -12.31
C3R B12 C . 1.49 13.75 -12.83
C2R B12 C . 2.03 14.75 -11.80
O7R B12 C . 1.66 14.49 -10.46
C1R B12 C . 3.53 14.67 -12.03
O6R B12 C . 3.74 14.08 -13.34
C4R B12 C . 2.72 13.06 -13.41
C5R B12 C . 2.50 12.57 -14.82
O8R B12 C . 2.31 13.61 -15.74
N1B B12 C . 4.35 13.86 -11.11
C8B B12 C . 5.69 13.96 -11.10
C2B B12 C . 4.00 12.89 -10.26
N3B B12 C . 5.07 12.34 -9.69
C9B B12 C . 6.16 12.96 -10.14
C4B B12 C . 7.52 12.82 -9.87
C5B B12 C . 8.44 13.62 -10.54
C5M B12 C . 9.92 13.48 -10.25
C6B B12 C . 7.97 14.64 -11.52
C6M B12 C . 8.97 15.50 -12.22
C7B B12 C . 6.59 14.78 -11.77
N1 5AD D . -8.29 1.41 1.80
C2 5AD D . -7.89 1.51 0.52
N3 5AD D . -8.11 2.51 -0.34
C4 5AD D . -8.82 3.50 0.25
N9 5AD D . -9.19 4.69 -0.32
C8 5AD D . -9.90 5.39 0.66
N7 5AD D . -9.95 4.74 1.80
C5 5AD D . -9.29 3.54 1.55
C6 5AD D . -9.01 2.42 2.36
N6 5AD D . -9.38 2.33 3.64
C1' 5AD D . -8.96 5.09 -1.70
C2' 5AD D . -10.27 5.62 -2.33
C3' 5AD D . -9.84 6.95 -2.95
C4' 5AD D . -8.31 6.89 -2.94
C5' 5AD D . -7.65 8.23 -2.90
O4' 5AD D . -8.01 6.13 -1.76
O2' 5AD D . -10.85 4.79 -3.30
O3' 5AD D . -10.34 7.11 -4.27
CHA BLA E . -15.27 8.78 7.89
NA BLA E . -15.29 10.30 9.87
C1A BLA E . -15.76 9.25 9.12
C2A BLA E . -16.88 8.68 9.83
C3A BLA E . -17.03 9.41 10.98
C4A BLA E . -16.04 10.44 11.01
CMA BLA E . -18.06 9.19 12.03
CAA BLA E . -17.70 7.50 9.38
CBA BLA E . -18.91 7.90 8.55
CGA BLA E . -20.06 6.90 8.62
O1A BLA E . -21.22 7.33 8.70
O2A BLA E . -19.79 5.70 8.64
CHB BLA E . -15.92 11.38 12.03
NB BLA E . -14.02 12.84 11.44
C1B BLA E . -15.14 12.49 12.17
C2B BLA E . -15.33 13.46 13.24
C3B BLA E . -14.32 14.45 13.10
C4B BLA E . -13.47 14.00 11.95
CMB BLA E . -16.41 13.46 14.29
OB BLA E . -12.45 14.54 11.53
CAB BLA E . -14.13 15.61 13.87
CBB BLA E . -13.09 16.41 13.84
NC BLA E . -9.79 10.27 5.03
C1C BLA E . -8.45 10.52 4.83
C2C BLA E . -8.14 11.85 5.39
C3C BLA E . -9.33 12.30 5.94
C4C BLA E . -10.34 11.32 5.77
CMC BLA E . -6.82 12.55 5.37
OC BLA E . -7.69 9.75 4.29
CAC BLA E . -9.50 13.58 6.58
CBC BLA E . -9.18 13.88 7.77
CHD BLA E . -11.62 11.41 6.22
ND BLA E . -13.51 10.39 7.30
C1D BLA E . -12.62 10.48 6.26
C2D BLA E . -12.99 9.52 5.23
C3D BLA E . -13.97 8.74 5.74
C4D BLA E . -14.27 9.28 7.07
CMD BLA E . -12.43 9.39 3.83
CAD BLA E . -14.69 7.59 5.09
CBD BLA E . -14.16 6.20 5.46
CGD BLA E . -14.66 5.12 4.50
O1D BLA E . -15.66 4.53 4.76
O2D BLA E . -13.98 4.89 3.49
C1 DIO F . -3.53 20.06 1.34
C2 DIO F . -5.55 19.82 0.16
C1' DIO F . -3.63 18.63 1.79
C2' DIO F . -5.63 18.40 0.63
O1 DIO F . -4.20 20.25 0.09
O1' DIO F . -4.99 18.25 1.89
C1 PEG G . -19.97 2.89 1.78
O1 PEG G . -19.18 2.96 2.94
C2 PEG G . -19.19 3.22 0.57
O2 PEG G . -20.04 3.40 -0.55
C3 PEG G . -20.62 4.69 -0.65
C4 PEG G . -20.10 5.37 -1.87
O4 PEG G . -20.85 5.05 -3.03
C1 PEG H . 20.20 -4.89 2.05
O1 PEG H . 21.29 -5.44 1.34
C2 PEG H . 20.59 -3.75 2.90
O2 PEG H . 19.51 -2.84 3.04
C3 PEG H . 19.88 -1.62 3.67
C4 PEG H . 18.90 -1.28 4.75
O4 PEG H . 19.55 -0.87 5.95
CO B12 I . 5.68 -8.73 1.50
N21 B12 I . 5.90 -10.18 2.64
N22 B12 I . 5.24 -7.65 3.00
N23 B12 I . 5.45 -7.39 0.20
N24 B12 I . 6.34 -9.96 0.23
C1 B12 I . 5.97 -11.56 2.12
C20 B12 I . 4.55 -12.11 1.89
C2 B12 I . 6.74 -12.40 3.16
C25 B12 I . 6.28 -13.88 3.25
C26 B12 I . 8.28 -12.37 2.88
C27 B12 I . 9.13 -13.24 3.78
O28 B12 I . 9.67 -14.29 3.40
N29 B12 I . 9.24 -12.78 4.99
C3 B12 I . 6.44 -11.58 4.45
C30 B12 I . 5.30 -12.03 5.41
C31 B12 I . 5.69 -13.00 6.51
C32 B12 I . 4.67 -12.94 7.62
O34 B12 I . 3.50 -13.24 7.40
N33 B12 I . 5.04 -12.50 8.82
C4 B12 I . 6.12 -10.17 3.92
C5 B12 I . 6.10 -9.02 4.78
C35 B12 I . 6.51 -9.21 6.24
C6 B12 I . 5.68 -7.82 4.34
C7 B12 I . 5.47 -6.50 5.14
C36 B12 I . 4.84 -6.68 6.53
C37 B12 I . 6.83 -5.80 5.21
C38 B12 I . 6.83 -4.41 5.79
O39 B12 I . 6.55 -3.43 5.09
N40 B12 I . 7.08 -4.27 7.07
C8 B12 I . 4.55 -5.70 4.20
C41 B12 I . 3.03 -5.89 4.45
C42 B12 I . 2.16 -5.14 3.47
C43 B12 I . 0.70 -5.42 3.75
O44 B12 I . 0.16 -6.27 3.13
N45 B12 I . 0.11 -4.73 4.71
C9 B12 I . 4.88 -6.30 2.87
C10 B12 I . 4.77 -5.59 1.62
C11 B12 I . 5.06 -6.13 0.42
C12 B12 I . 5.01 -5.28 -0.81
C46 B12 I . 6.31 -4.47 -0.86
C47 B12 I . 3.80 -4.33 -0.90
C13 B12 I . 5.07 -6.36 -1.90
C48 B12 I . 3.73 -6.72 -2.59
C49 B12 I . 3.33 -5.79 -3.73
C50 B12 I . 2.37 -6.44 -4.71
O51 B12 I . 1.75 -7.48 -4.47
N52 B12 I . 2.22 -5.84 -5.85
C14 B12 I . 5.57 -7.56 -1.12
C15 B12 I . 6.06 -8.73 -1.82
C53 B12 I . 6.22 -8.69 -3.34
C16 B12 I . 6.31 -9.88 -1.15
C17 B12 I . 6.81 -11.23 -1.66
C54 B12 I . 8.31 -11.10 -1.86
C55 B12 I . 6.16 -11.74 -2.97
C56 B12 I . 4.62 -11.71 -3.04
C57 B12 I . 4.23 -12.20 -4.41
O58 B12 I . 4.57 -11.61 -5.41
N59 B12 I . 3.53 -13.33 -4.48
C18 B12 I . 6.46 -12.21 -0.53
C60 B12 I . 7.15 -13.59 -0.53
C61 B12 I . 6.11 -14.70 -0.65
O63 B12 I . 4.95 -14.55 -1.10
N62 B12 I . 6.55 -15.90 -0.28
C19 B12 I . 6.44 -11.33 0.68
C1P B12 I . 3.33 -14.02 -5.75
C2P B12 I . 3.26 -15.51 -5.51
C3P B12 I . 4.49 -16.03 -4.76
O3 B12 I . 2.05 -15.75 -4.76
O4 B12 I . 1.54 -17.57 -3.07
O5 B12 I . 2.23 -18.21 -5.47
P B12 I . 1.56 -17.27 -4.54
O2 B12 I . 0.02 -17.03 -4.98
C3R B12 I . -0.80 -18.19 -5.07
C2R B12 I . -1.39 -18.59 -3.72
O7R B12 I . -1.14 -17.71 -2.64
C1R B12 I . -2.90 -18.70 -4.01
O6R B12 I . -2.97 -18.82 -5.44
C4R B12 I . -2.02 -17.91 -5.96
C5R B12 I . -1.81 -18.00 -7.45
O8R B12 I . -1.38 -19.27 -7.90
N1B B12 I . -3.75 -17.55 -3.68
C8B B12 I . -5.11 -17.64 -3.77
C2B B12 I . -3.46 -16.29 -3.30
N3B B12 I . -4.57 -15.56 -3.14
C9B B12 I . -5.65 -16.34 -3.43
C4B B12 I . -7.01 -16.11 -3.38
C5B B12 I . -7.87 -17.13 -3.73
C5M B12 I . -9.37 -16.89 -3.71
C6B B12 I . -7.34 -18.46 -4.11
C6M B12 I . -8.25 -19.59 -4.45
C7B B12 I . -5.96 -18.70 -4.09
N1 5AD J . 8.06 -0.20 2.76
C2 5AD J . 7.73 -0.91 1.65
N3 5AD J . 7.96 -2.21 1.40
C4 5AD J . 8.61 -2.80 2.44
N9 5AD J . 8.98 -4.11 2.55
C8 5AD J . 9.59 -4.26 3.78
N7 5AD J . 9.58 -3.13 4.47
C5 5AD J . 8.98 -2.21 3.63
C6 5AD J . 8.68 -0.84 3.79
N6 5AD J . 8.98 -0.16 4.92
C1' 5AD J . 8.88 -5.12 1.52
C2' 5AD J . 10.23 -5.83 1.30
C3' 5AD J . 9.85 -7.31 1.31
C4' 5AD J . 8.33 -7.30 1.19
C5' 5AD J . 7.65 -8.50 1.78
O4' 5AD J . 7.95 -6.11 1.91
O2' 5AD J . 10.90 -5.52 0.10
O3' 5AD J . 10.45 -8.01 0.22
CHA BLA K . 14.43 -3.86 12.12
NA BLA K . 14.20 -4.30 14.57
C1A BLA K . 14.75 -3.66 13.47
C2A BLA K . 15.78 -2.79 13.97
C3A BLA K . 15.79 -2.89 15.34
C4A BLA K . 14.80 -3.85 15.74
CMA BLA K . 16.68 -2.15 16.28
CAA BLA K . 16.64 -1.89 13.12
CBA BLA K . 17.97 -2.52 12.79
CGA BLA K . 19.05 -1.50 12.45
O1A BLA K . 18.71 -0.51 11.81
O2A BLA K . 20.21 -1.69 12.85
CHB BLA K . 14.56 -4.22 17.05
NB BLA K . 12.75 -5.86 17.05
C1B BLA K . 13.80 -5.18 17.61
C2B BLA K . 13.94 -5.62 18.97
C3B BLA K . 12.93 -6.59 19.23
C4B BLA K . 12.15 -6.69 17.98
CMB BLA K . 14.96 -5.12 19.95
OB BLA K . 11.17 -7.38 17.78
CAB BLA K . 12.69 -7.27 20.43
CBB BLA K . 11.61 -7.92 20.78
NC BLA K . 9.07 -6.55 9.95
C1C BLA K . 7.76 -6.95 9.73
C2C BLA K . 7.39 -7.88 10.80
C3C BLA K . 8.55 -8.05 11.58
C4C BLA K . 9.59 -7.22 11.08
CMC BLA K . 6.05 -8.57 10.91
OC BLA K . 7.06 -6.60 8.81
CAC BLA K . 8.68 -8.93 12.69
CBC BLA K . 8.25 -8.67 13.89
CHD BLA K . 10.85 -7.09 11.57
ND BLA K . 12.65 -5.57 12.20
C1D BLA K . 11.88 -6.19 11.26
C2D BLA K . 12.32 -5.80 9.92
C3D BLA K . 13.26 -4.83 10.09
C4D BLA K . 13.49 -4.72 11.53
CMD BLA K . 11.85 -6.33 8.60
CAD BLA K . 13.96 -4.02 9.04
CBD BLA K . 13.32 -2.66 8.81
CGD BLA K . 14.13 -1.77 7.88
O1D BLA K . 14.30 -0.58 8.19
O2D BLA K . 14.60 -2.29 6.87
C1 DIO L . 4.46 -15.28 10.34
C2 DIO L . 5.36 -17.34 9.63
C1' DIO L . 3.10 -15.87 10.35
C2' DIO L . 3.98 -17.92 9.64
O1 DIO L . 5.33 -15.93 9.40
O1' DIO L . 3.16 -17.28 10.62
C1 DIO M . -17.05 -22.88 -4.09
C2 DIO M . -17.35 -22.26 -6.32
C1' DIO M . -17.47 -21.52 -3.65
C2' DIO M . -17.77 -20.89 -5.88
O1 DIO M . -17.64 -23.23 -5.33
O1' DIO M . -17.15 -20.54 -4.65
#